data_8HOT
#
_entry.id   8HOT
#
_cell.length_a   58.723
_cell.length_b   146.446
_cell.length_c   63.350
_cell.angle_alpha   90.00
_cell.angle_beta   97.48
_cell.angle_gamma   90.00
#
_symmetry.space_group_name_H-M   'P 1 21 1'
#
loop_
_entity.id
_entity.type
_entity.pdbx_description
1 polymer 'Bifunctional cytochrome P450/NADPH--P450 reductase'
2 polymer NH2-C7-Phe-Phe
3 non-polymer 'PROTOPORPHYRIN IX CONTAINING FE'
4 water water
#
loop_
_entity_poly.entity_id
_entity_poly.type
_entity_poly.pdbx_seq_one_letter_code
_entity_poly.pdbx_strand_id
1 'polypeptide(L)'
;GMTIKEMPQPKTFGELKNLPLLNTDKPVQALMKIADELGEIFKFEAPGRVTRYLSSQRLIKEACDESRFDKNLSQALKFV
RDFAGDGLATSWTHEKNWKKAHNILLPSFSQQAMKGYHAMMVDIAVQLVQKWERLNADEHIEVPEDMTRLTLDTIGLCGF
NYRFNSFYRDQPHPFITSMVRALDEAMNKLQRANPDDPAYDENKRQFQEDIKVMNDLVDKIIADRKASGEQSDDLLTHML
NGKDPETGEPLDDENIRYQIITFLIAGHETTSGLLSFALYFLVKNPHVLQKAAEEAARVLVDPVPSYKQVKQLKYVGMVL
NEALRLWPTAPAFSLYAKEDTVLGGEYPLEKGDELMVLIPQLHRDKTIWGDDVEEFRPERFENPSAIPQHAFKPFGNGQR
ACIGQQFALHEATLVLGMMLKHFDFEDHTNYELDIKETLTLKPEGFVVKAKSKKIPLLEHHHHHH
;
A,B
2 'polypeptide(L)' (011)FF C,D
#
# COMPACT_ATOMS: atom_id res chain seq x y z
N GLU A 6 -5.11 10.31 35.47
CA GLU A 6 -4.21 9.27 35.95
C GLU A 6 -3.90 8.23 34.87
N MET A 7 -2.62 8.14 34.53
CA MET A 7 -2.17 7.33 33.41
C MET A 7 -2.14 5.85 33.79
N PRO A 8 -2.57 4.96 32.90
CA PRO A 8 -2.45 3.54 33.21
C PRO A 8 -1.00 3.14 33.45
N GLN A 9 -0.82 2.11 34.28
CA GLN A 9 0.50 1.64 34.67
C GLN A 9 0.38 0.16 35.00
N PRO A 10 1.31 -0.67 34.53
CA PRO A 10 1.23 -2.11 34.83
C PRO A 10 1.56 -2.44 36.28
N LYS A 11 1.52 -3.72 36.61
CA LYS A 11 1.70 -4.15 38.00
C LYS A 11 3.10 -3.80 38.49
N THR A 12 3.20 -3.58 39.80
CA THR A 12 4.42 -3.12 40.44
C THR A 12 5.01 -4.20 41.35
N PHE A 13 6.27 -4.00 41.72
CA PHE A 13 7.02 -4.95 42.53
C PHE A 13 7.62 -4.23 43.74
N GLY A 14 6.75 -3.57 44.51
CA GLY A 14 7.22 -2.87 45.69
C GLY A 14 8.16 -1.73 45.33
N GLU A 15 9.33 -1.72 45.98
CA GLU A 15 10.30 -0.65 45.76
C GLU A 15 10.90 -0.71 44.35
N LEU A 16 10.85 -1.86 43.69
CA LEU A 16 11.39 -1.96 42.33
C LEU A 16 10.45 -1.43 41.28
N LYS A 17 9.23 -1.04 41.65
CA LYS A 17 8.24 -0.44 40.74
C LYS A 17 7.99 -1.42 39.59
N ASN A 18 8.10 -0.98 38.33
CA ASN A 18 7.81 -1.85 37.19
C ASN A 18 9.05 -2.55 36.64
N LEU A 19 10.23 -2.27 37.17
CA LEU A 19 11.47 -2.81 36.60
C LEU A 19 11.49 -4.32 36.43
N PRO A 20 11.03 -5.15 37.38
CA PRO A 20 11.07 -6.61 37.15
C PRO A 20 10.23 -7.07 35.96
N LEU A 21 9.34 -6.25 35.43
CA LEU A 21 8.62 -6.62 34.23
C LEU A 21 9.56 -6.82 33.05
N LEU A 22 10.71 -6.14 33.07
CA LEU A 22 11.71 -6.28 32.03
C LEU A 22 12.72 -7.39 32.31
N ASN A 23 12.58 -8.08 33.45
CA ASN A 23 13.44 -9.22 33.77
C ASN A 23 12.90 -10.46 33.06
N THR A 24 13.00 -10.43 31.74
CA THR A 24 12.49 -11.51 30.89
C THR A 24 13.31 -11.58 29.62
N ASP A 25 13.24 -12.72 28.93
CA ASP A 25 13.95 -12.86 27.67
C ASP A 25 13.30 -12.10 26.53
N LYS A 26 12.02 -11.74 26.67
CA LYS A 26 11.26 -11.10 25.60
C LYS A 26 10.59 -9.83 26.11
N PRO A 27 11.38 -8.79 26.39
CA PRO A 27 10.78 -7.58 26.97
C PRO A 27 9.89 -6.80 26.00
N VAL A 28 10.28 -6.69 24.74
CA VAL A 28 9.43 -5.99 23.77
C VAL A 28 8.06 -6.65 23.67
N GLN A 29 8.04 -7.98 23.56
CA GLN A 29 6.77 -8.69 23.44
C GLN A 29 5.96 -8.60 24.73
N ALA A 30 6.64 -8.57 25.88
CA ALA A 30 5.93 -8.33 27.14
C ALA A 30 5.32 -6.94 27.16
N LEU A 31 6.06 -5.94 26.66
CA LEU A 31 5.53 -4.57 26.61
C LEU A 31 4.35 -4.47 25.67
N MET A 32 4.37 -5.24 24.57
CA MET A 32 3.25 -5.24 23.64
C MET A 32 1.99 -5.78 24.30
N LYS A 33 2.13 -6.83 25.12
CA LYS A 33 0.97 -7.37 25.83
C LYS A 33 0.44 -6.37 26.85
N ILE A 34 1.34 -5.64 27.52
CA ILE A 34 0.92 -4.58 28.42
C ILE A 34 0.15 -3.50 27.66
N ALA A 35 0.65 -3.12 26.48
CA ALA A 35 -0.04 -2.13 25.67
C ALA A 35 -1.42 -2.61 25.26
N ASP A 36 -1.56 -3.90 24.94
CA ASP A 36 -2.87 -4.45 24.63
C ASP A 36 -3.83 -4.30 25.82
N GLU A 37 -3.31 -4.49 27.03
CA GLU A 37 -4.16 -4.41 28.23
C GLU A 37 -4.47 -2.98 28.63
N LEU A 38 -3.50 -2.07 28.53
CA LEU A 38 -3.64 -0.74 29.09
C LEU A 38 -3.96 0.33 28.06
N GLY A 39 -3.69 0.09 26.77
CA GLY A 39 -4.09 1.04 25.76
C GLY A 39 -2.96 1.85 25.14
N GLU A 40 -3.29 3.05 24.67
CA GLU A 40 -2.38 3.81 23.81
C GLU A 40 -1.21 4.41 24.57
N ILE A 41 -1.29 4.48 25.90
CA ILE A 41 -0.18 5.03 26.69
C ILE A 41 -0.25 4.45 28.09
N PHE A 42 0.91 4.05 28.61
CA PHE A 42 1.03 3.66 30.00
C PHE A 42 2.37 4.13 30.54
N LYS A 43 2.40 4.41 31.83
CA LYS A 43 3.62 4.83 32.50
C LYS A 43 4.41 3.61 32.97
N PHE A 44 5.73 3.71 32.87
CA PHE A 44 6.63 2.66 33.33
C PHE A 44 7.65 3.28 34.28
N GLU A 45 7.63 2.85 35.53
CA GLU A 45 8.49 3.41 36.57
C GLU A 45 9.55 2.40 36.99
N ALA A 46 10.75 2.89 37.20
CA ALA A 46 11.88 2.14 37.74
C ALA A 46 12.54 3.00 38.80
N PRO A 47 13.39 2.42 39.66
CA PRO A 47 14.15 3.25 40.61
C PRO A 47 14.98 4.31 39.91
N GLY A 48 14.59 5.57 40.04
CA GLY A 48 15.32 6.64 39.38
C GLY A 48 15.10 6.71 37.88
N ARG A 49 13.96 6.23 37.40
CA ARG A 49 13.65 6.26 35.98
C ARG A 49 12.14 6.27 35.82
N VAL A 50 11.64 7.14 34.92
CA VAL A 50 10.24 7.19 34.57
C VAL A 50 10.14 7.40 33.06
N THR A 51 9.30 6.60 32.41
CA THR A 51 9.03 6.81 30.99
C THR A 51 7.59 6.41 30.71
N ARG A 52 7.14 6.76 29.50
CA ARG A 52 5.78 6.51 29.06
C ARG A 52 5.83 5.85 27.69
N TYR A 53 5.20 4.69 27.56
CA TYR A 53 5.18 3.95 26.32
C TYR A 53 3.98 4.33 25.49
N LEU A 54 4.21 4.74 24.24
CA LEU A 54 3.16 5.16 23.33
C LEU A 54 2.91 4.08 22.31
N SER A 55 1.63 3.84 21.99
CA SER A 55 1.24 2.77 21.10
C SER A 55 0.29 3.19 19.97
N SER A 56 -0.30 4.37 20.03
CA SER A 56 -1.27 4.80 19.04
C SER A 56 -0.67 5.83 18.10
N GLN A 57 -1.14 5.81 16.85
CA GLN A 57 -0.73 6.83 15.89
C GLN A 57 -1.15 8.23 16.34
N ARG A 58 -2.26 8.33 17.08
CA ARG A 58 -2.73 9.63 17.55
C ARG A 58 -1.67 10.31 18.43
N LEU A 59 -1.08 9.57 19.36
CA LEU A 59 -0.08 10.15 20.24
C LEU A 59 1.32 10.14 19.64
N ILE A 60 1.64 9.13 18.84
CA ILE A 60 2.98 9.04 18.28
C ILE A 60 3.21 10.12 17.22
N LYS A 61 2.16 10.53 16.50
CA LYS A 61 2.35 11.59 15.52
C LYS A 61 2.70 12.92 16.18
N GLU A 62 2.18 13.17 17.39
CA GLU A 62 2.61 14.35 18.14
C GLU A 62 4.03 14.18 18.66
N ALA A 63 4.35 12.99 19.16
CA ALA A 63 5.70 12.74 19.67
C ALA A 63 6.74 12.91 18.58
N CYS A 64 6.36 12.68 17.32
CA CYS A 64 7.27 12.84 16.20
C CYS A 64 7.38 14.27 15.70
N ASP A 65 6.74 15.22 16.39
CA ASP A 65 6.88 16.64 16.07
C ASP A 65 8.23 17.10 16.61
N GLU A 66 9.19 17.31 15.71
CA GLU A 66 10.56 17.61 16.12
C GLU A 66 10.69 18.97 16.78
N SER A 67 9.69 19.85 16.64
CA SER A 67 9.72 21.12 17.36
C SER A 67 9.36 20.94 18.83
N ARG A 68 8.76 19.81 19.19
CA ARG A 68 8.36 19.53 20.57
C ARG A 68 9.16 18.43 21.23
N PHE A 69 9.69 17.48 20.46
CA PHE A 69 10.41 16.34 21.02
C PHE A 69 11.66 16.07 20.20
N ASP A 70 12.70 15.61 20.89
CA ASP A 70 13.97 15.23 20.27
C ASP A 70 14.31 13.81 20.69
N LYS A 71 15.19 13.17 19.92
CA LYS A 71 15.60 11.81 20.22
C LYS A 71 16.25 11.74 21.60
N ASN A 72 15.81 10.77 22.40
CA ASN A 72 16.41 10.48 23.69
C ASN A 72 17.22 9.20 23.59
N LEU A 73 18.31 9.13 24.36
CA LEU A 73 19.07 7.90 24.51
C LEU A 73 18.41 7.07 25.61
N SER A 74 17.74 5.99 25.21
CA SER A 74 17.17 5.08 26.19
C SER A 74 18.30 4.43 27.01
N GLN A 75 17.90 3.70 28.05
CA GLN A 75 18.90 3.04 28.89
C GLN A 75 19.69 2.02 28.10
N ALA A 76 19.06 1.35 27.14
CA ALA A 76 19.79 0.43 26.26
C ALA A 76 20.83 1.18 25.44
N LEU A 77 20.42 2.28 24.80
CA LEU A 77 21.36 3.04 23.98
C LEU A 77 22.48 3.64 24.81
N LYS A 78 22.21 4.03 26.06
CA LYS A 78 23.27 4.53 26.92
C LYS A 78 24.32 3.45 27.18
N PHE A 79 23.89 2.19 27.32
CA PHE A 79 24.83 1.11 27.54
C PHE A 79 25.57 0.76 26.26
N VAL A 80 24.90 0.84 25.10
CA VAL A 80 25.58 0.63 23.83
C VAL A 80 26.61 1.73 23.59
N ARG A 81 26.34 2.94 24.08
CA ARG A 81 27.28 4.04 23.93
C ARG A 81 28.63 3.74 24.57
N ASP A 82 28.67 2.83 25.55
CA ASP A 82 29.94 2.45 26.17
C ASP A 82 30.91 1.87 25.16
N PHE A 83 30.43 1.31 24.04
CA PHE A 83 31.30 0.88 22.97
C PHE A 83 30.96 1.48 21.61
N ALA A 84 29.79 2.09 21.44
CA ALA A 84 29.46 2.80 20.22
C ALA A 84 29.82 4.29 20.28
N GLY A 85 30.19 4.79 21.46
CA GLY A 85 30.68 6.16 21.58
C GLY A 85 29.69 7.18 21.10
N ASP A 86 30.19 8.26 20.51
CA ASP A 86 29.33 9.26 19.89
C ASP A 86 29.16 9.00 18.40
N GLY A 87 29.02 7.74 18.01
CA GLY A 87 28.53 7.41 16.70
C GLY A 87 27.13 7.97 16.47
N LEU A 88 26.68 7.87 15.22
CA LEU A 88 25.42 8.49 14.84
C LEU A 88 24.26 8.00 15.70
N ALA A 89 24.21 6.70 15.97
CA ALA A 89 23.04 6.12 16.63
C ALA A 89 23.01 6.38 18.13
N THR A 90 24.16 6.63 18.76
CA THR A 90 24.24 6.77 20.21
C THR A 90 24.68 8.17 20.64
N SER A 91 24.51 9.16 19.78
CA SER A 91 24.86 10.54 20.11
CA SER A 91 24.86 10.54 20.11
C SER A 91 23.61 11.39 20.21
N TRP A 92 23.70 12.44 21.03
CA TRP A 92 22.59 13.36 21.16
C TRP A 92 22.57 14.33 19.98
N THR A 93 21.38 14.80 19.64
CA THR A 93 21.24 15.70 18.50
C THR A 93 22.04 16.98 18.69
N HIS A 94 22.17 17.45 19.94
CA HIS A 94 22.89 18.69 20.23
C HIS A 94 24.40 18.49 20.30
N GLU A 95 24.89 17.25 20.23
CA GLU A 95 26.32 17.01 20.21
C GLU A 95 26.88 17.37 18.84
N LYS A 96 28.01 18.07 18.84
CA LYS A 96 28.63 18.52 17.60
C LYS A 96 28.87 17.35 16.63
N ASN A 97 29.25 16.20 17.17
CA ASN A 97 29.62 15.07 16.32
C ASN A 97 28.44 14.41 15.63
N TRP A 98 27.20 14.63 16.09
CA TRP A 98 26.09 14.04 15.36
C TRP A 98 25.89 14.70 14.01
N LYS A 99 25.61 16.00 14.02
CA LYS A 99 25.34 16.71 12.76
C LYS A 99 26.54 16.67 11.84
N LYS A 100 27.74 16.70 12.42
CA LYS A 100 28.97 16.59 11.62
C LYS A 100 28.99 15.28 10.85
N ALA A 101 28.89 14.16 11.57
CA ALA A 101 28.90 12.85 10.91
C ALA A 101 27.66 12.69 10.02
N HIS A 102 26.53 13.25 10.44
CA HIS A 102 25.31 13.15 9.64
C HIS A 102 25.51 13.79 8.26
N ASN A 103 26.06 15.01 8.23
CA ASN A 103 26.28 15.67 6.95
C ASN A 103 27.32 14.95 6.11
N ILE A 104 28.34 14.39 6.76
CA ILE A 104 29.42 13.73 6.03
C ILE A 104 28.95 12.41 5.45
N LEU A 105 28.14 11.66 6.20
CA LEU A 105 27.77 10.30 5.83
C LEU A 105 26.49 10.21 5.02
N LEU A 106 25.64 11.24 5.05
CA LEU A 106 24.36 11.15 4.35
C LEU A 106 24.51 10.93 2.85
N PRO A 107 25.43 11.59 2.12
CA PRO A 107 25.57 11.30 0.69
C PRO A 107 26.04 9.88 0.38
N SER A 108 26.64 9.18 1.34
CA SER A 108 27.06 7.81 1.12
C SER A 108 25.95 6.80 1.37
N PHE A 109 24.77 7.26 1.79
CA PHE A 109 23.65 6.38 2.08
C PHE A 109 22.42 6.69 1.24
N SER A 110 22.56 7.53 0.20
CA SER A 110 21.41 7.90 -0.60
C SER A 110 20.99 6.74 -1.49
N GLN A 111 19.77 6.84 -2.03
CA GLN A 111 19.36 5.88 -3.04
C GLN A 111 20.29 5.92 -4.25
N GLN A 112 20.79 7.11 -4.59
CA GLN A 112 21.76 7.22 -5.67
C GLN A 112 23.06 6.49 -5.34
N ALA A 113 23.49 6.56 -4.07
CA ALA A 113 24.75 5.91 -3.69
C ALA A 113 24.66 4.39 -3.70
N MET A 114 23.46 3.82 -3.69
CA MET A 114 23.31 2.37 -3.74
C MET A 114 23.82 1.80 -5.05
N LYS A 115 23.83 2.59 -6.12
CA LYS A 115 24.33 2.11 -7.40
C LYS A 115 25.78 1.63 -7.28
N GLY A 116 26.59 2.34 -6.51
CA GLY A 116 27.97 1.91 -6.28
C GLY A 116 28.11 0.70 -5.40
N TYR A 117 27.21 0.52 -4.42
CA TYR A 117 27.28 -0.64 -3.55
C TYR A 117 26.72 -1.90 -4.17
N HIS A 118 25.97 -1.78 -5.28
CA HIS A 118 25.20 -2.90 -5.80
C HIS A 118 26.07 -4.10 -6.14
N ALA A 119 27.23 -3.86 -6.76
CA ALA A 119 28.08 -4.97 -7.19
C ALA A 119 28.57 -5.79 -6.00
N MET A 120 28.98 -5.12 -4.92
CA MET A 120 29.44 -5.86 -3.74
C MET A 120 28.28 -6.55 -3.03
N MET A 121 27.09 -5.96 -3.07
CA MET A 121 25.91 -6.65 -2.55
C MET A 121 25.66 -7.94 -3.30
N VAL A 122 25.80 -7.91 -4.63
CA VAL A 122 25.60 -9.11 -5.43
C VAL A 122 26.66 -10.15 -5.08
N ASP A 123 27.89 -9.71 -4.81
CA ASP A 123 28.97 -10.63 -4.46
C ASP A 123 28.55 -11.54 -3.31
N ILE A 124 28.05 -10.96 -2.22
CA ILE A 124 27.66 -11.76 -1.06
C ILE A 124 26.39 -12.53 -1.35
N ALA A 125 25.44 -11.91 -2.07
CA ALA A 125 24.18 -12.58 -2.38
C ALA A 125 24.42 -13.83 -3.22
N VAL A 126 25.39 -13.77 -4.13
CA VAL A 126 25.73 -14.94 -4.93
C VAL A 126 26.29 -16.04 -4.04
N GLN A 127 27.09 -15.66 -3.03
CA GLN A 127 27.61 -16.66 -2.08
C GLN A 127 26.48 -17.36 -1.35
N LEU A 128 25.45 -16.61 -0.93
CA LEU A 128 24.31 -17.23 -0.25
C LEU A 128 23.60 -18.21 -1.18
N VAL A 129 23.34 -17.78 -2.42
CA VAL A 129 22.67 -18.66 -3.38
C VAL A 129 23.53 -19.90 -3.64
N GLN A 130 24.84 -19.72 -3.79
CA GLN A 130 25.72 -20.86 -4.05
C GLN A 130 25.70 -21.84 -2.89
N LYS A 131 25.69 -21.33 -1.65
CA LYS A 131 25.62 -22.23 -0.49
C LYS A 131 24.37 -23.10 -0.55
N TRP A 132 23.23 -22.50 -0.85
CA TRP A 132 21.98 -23.25 -0.87
C TRP A 132 21.89 -24.17 -2.09
N GLU A 133 22.47 -23.76 -3.22
CA GLU A 133 22.53 -24.65 -4.38
C GLU A 133 23.34 -25.90 -4.06
N ARG A 134 24.30 -25.80 -3.15
CA ARG A 134 25.24 -26.87 -2.87
C ARG A 134 24.80 -27.78 -1.73
N LEU A 135 23.63 -27.54 -1.15
CA LEU A 135 23.13 -28.44 -0.11
C LEU A 135 22.72 -29.77 -0.72
N ASN A 136 22.85 -30.83 0.08
CA ASN A 136 22.41 -32.14 -0.36
C ASN A 136 20.93 -32.32 -0.08
N ALA A 137 20.38 -33.40 -0.63
CA ALA A 137 18.97 -33.70 -0.41
C ALA A 137 18.68 -33.89 1.07
N ASP A 138 17.50 -33.43 1.50
CA ASP A 138 17.00 -33.57 2.86
C ASP A 138 17.73 -32.66 3.85
N GLU A 139 18.78 -31.97 3.41
CA GLU A 139 19.39 -30.96 4.26
C GLU A 139 18.50 -29.71 4.29
N HIS A 140 18.63 -28.94 5.36
CA HIS A 140 17.78 -27.77 5.57
C HIS A 140 18.65 -26.54 5.79
N ILE A 141 17.97 -25.40 5.88
CA ILE A 141 18.61 -24.09 5.99
C ILE A 141 18.26 -23.49 7.34
N GLU A 142 19.28 -23.00 8.05
CA GLU A 142 19.09 -22.22 9.27
C GLU A 142 19.00 -20.76 8.84
N VAL A 143 17.78 -20.24 8.77
CA VAL A 143 17.51 -18.99 8.06
C VAL A 143 18.16 -17.79 8.73
N PRO A 144 17.89 -17.48 10.01
CA PRO A 144 18.53 -16.29 10.60
C PRO A 144 20.05 -16.39 10.65
N GLU A 145 20.58 -17.59 10.82
CA GLU A 145 22.03 -17.77 10.80
C GLU A 145 22.61 -17.41 9.43
N ASP A 146 21.98 -17.89 8.36
CA ASP A 146 22.46 -17.58 7.02
C ASP A 146 22.18 -16.12 6.65
N MET A 147 21.06 -15.57 7.09
CA MET A 147 20.78 -14.16 6.83
C MET A 147 21.78 -13.26 7.52
N THR A 148 22.23 -13.65 8.72
CA THR A 148 23.23 -12.86 9.42
C THR A 148 24.59 -12.94 8.75
N ARG A 149 24.93 -14.13 8.22
CA ARG A 149 26.14 -14.26 7.41
C ARG A 149 26.12 -13.29 6.24
N LEU A 150 24.97 -13.12 5.60
CA LEU A 150 24.88 -12.28 4.42
C LEU A 150 24.96 -10.81 4.77
N THR A 151 24.18 -10.37 5.76
CA THR A 151 24.10 -8.93 6.04
C THR A 151 25.38 -8.43 6.68
N LEU A 152 26.02 -9.25 7.51
CA LEU A 152 27.30 -8.86 8.11
C LEU A 152 28.39 -8.75 7.04
N ASP A 153 28.47 -9.74 6.15
CA ASP A 153 29.47 -9.67 5.08
C ASP A 153 29.19 -8.53 4.12
N THR A 154 27.92 -8.19 3.90
CA THR A 154 27.60 -7.11 2.97
C THR A 154 28.04 -5.76 3.53
N ILE A 155 27.73 -5.50 4.81
CA ILE A 155 28.14 -4.23 5.39
C ILE A 155 29.66 -4.17 5.58
N GLY A 156 30.30 -5.33 5.77
CA GLY A 156 31.76 -5.35 5.83
C GLY A 156 32.38 -4.98 4.51
N LEU A 157 31.83 -5.50 3.41
CA LEU A 157 32.43 -5.30 2.09
C LEU A 157 32.04 -3.93 1.53
N CYS A 158 30.74 -3.59 1.59
CA CYS A 158 30.29 -2.29 1.11
C CYS A 158 30.75 -1.15 2.01
N GLY A 159 30.99 -1.42 3.30
CA GLY A 159 31.36 -0.37 4.22
C GLY A 159 32.84 -0.06 4.28
N PHE A 160 33.66 -1.11 4.42
CA PHE A 160 35.09 -0.91 4.66
C PHE A 160 35.96 -1.88 3.88
N ASN A 161 35.42 -2.50 2.83
CA ASN A 161 36.17 -3.42 1.97
C ASN A 161 36.87 -4.51 2.78
N TYR A 162 36.17 -4.99 3.80
CA TYR A 162 36.66 -6.08 4.64
C TYR A 162 35.75 -7.28 4.46
N ARG A 163 36.33 -8.45 4.25
CA ARG A 163 35.57 -9.67 4.04
C ARG A 163 35.58 -10.48 5.33
N PHE A 164 34.43 -10.49 6.02
CA PHE A 164 34.28 -11.36 7.17
C PHE A 164 34.26 -12.83 6.78
N ASN A 165 33.94 -13.13 5.52
CA ASN A 165 33.96 -14.50 5.00
C ASN A 165 33.11 -15.43 5.86
N SER A 166 31.90 -14.95 6.18
CA SER A 166 31.03 -15.69 7.10
C SER A 166 30.54 -17.00 6.51
N PHE A 167 30.46 -17.09 5.18
CA PHE A 167 30.04 -18.32 4.54
C PHE A 167 31.15 -19.37 4.48
N TYR A 168 32.34 -19.05 5.01
CA TYR A 168 33.42 -20.00 5.17
C TYR A 168 33.59 -20.49 6.60
N ARG A 169 32.63 -20.19 7.48
CA ARG A 169 32.82 -20.41 8.90
C ARG A 169 31.58 -21.06 9.53
N ASP A 170 31.80 -21.54 10.76
CA ASP A 170 30.73 -21.85 11.70
C ASP A 170 30.86 -20.95 12.92
N GLN A 171 32.01 -20.96 13.58
CA GLN A 171 32.29 -20.03 14.66
C GLN A 171 32.51 -18.66 14.04
N PRO A 172 31.68 -17.66 14.36
CA PRO A 172 31.77 -16.37 13.66
C PRO A 172 33.04 -15.61 14.03
N HIS A 173 33.22 -14.50 13.32
CA HIS A 173 34.44 -13.72 13.40
C HIS A 173 34.75 -13.32 14.85
N PRO A 174 36.02 -13.28 15.24
CA PRO A 174 36.36 -12.79 16.58
C PRO A 174 35.84 -11.41 16.88
N PHE A 175 35.75 -10.54 15.88
CA PHE A 175 35.07 -9.26 16.09
C PHE A 175 33.59 -9.49 16.42
N ILE A 176 32.93 -10.35 15.65
CA ILE A 176 31.50 -10.57 15.80
C ILE A 176 31.19 -11.23 17.15
N THR A 177 32.05 -12.15 17.59
CA THR A 177 31.85 -12.77 18.89
C THR A 177 31.88 -11.74 20.02
N SER A 178 32.82 -10.79 19.94
CA SER A 178 32.89 -9.73 20.94
C SER A 178 31.67 -8.83 20.87
N MET A 179 31.17 -8.55 19.67
CA MET A 179 30.05 -7.64 19.51
C MET A 179 28.78 -8.19 20.16
N VAL A 180 28.47 -9.46 19.89
CA VAL A 180 27.26 -10.06 20.42
C VAL A 180 27.34 -10.18 21.92
N ARG A 181 28.51 -10.54 22.44
CA ARG A 181 28.71 -10.62 23.89
C ARG A 181 28.55 -9.25 24.54
N ALA A 182 29.08 -8.21 23.89
CA ALA A 182 28.94 -6.86 24.42
C ALA A 182 27.49 -6.39 24.41
N LEU A 183 26.79 -6.59 23.29
CA LEU A 183 25.39 -6.23 23.22
C LEU A 183 24.58 -7.01 24.25
N ASP A 184 24.95 -8.28 24.45
CA ASP A 184 24.28 -9.11 25.44
C ASP A 184 24.46 -8.54 26.83
N GLU A 185 25.68 -8.10 27.16
CA GLU A 185 25.92 -7.47 28.45
C GLU A 185 25.10 -6.20 28.60
N ALA A 186 25.00 -5.42 27.53
CA ALA A 186 24.19 -4.20 27.57
C ALA A 186 22.73 -4.53 27.85
N MET A 187 22.19 -5.55 27.18
CA MET A 187 20.82 -5.98 27.45
C MET A 187 20.69 -6.51 28.88
N ASN A 188 21.66 -7.31 29.33
CA ASN A 188 21.57 -7.89 30.67
C ASN A 188 21.56 -6.82 31.74
N LYS A 189 22.28 -5.72 31.54
CA LYS A 189 22.27 -4.65 32.51
C LYS A 189 20.89 -4.02 32.65
N LEU A 190 20.04 -4.17 31.64
CA LEU A 190 18.66 -3.69 31.75
C LEU A 190 17.84 -4.59 32.68
N GLN A 191 18.09 -5.91 32.61
CA GLN A 191 17.35 -6.85 33.46
C GLN A 191 18.00 -7.00 34.83
N ARG A 192 19.32 -6.82 34.90
CA ARG A 192 20.11 -7.05 36.11
C ARG A 192 19.60 -6.29 37.33
N ALA A 199 29.67 -10.28 42.14
CA ALA A 199 29.35 -11.36 41.21
C ALA A 199 29.58 -10.94 39.77
N TYR A 200 29.46 -9.64 39.51
CA TYR A 200 29.57 -9.10 38.17
C TYR A 200 30.97 -8.61 37.82
N ASP A 201 31.96 -8.88 38.69
CA ASP A 201 33.33 -8.48 38.41
C ASP A 201 33.86 -9.15 37.14
N GLU A 202 33.49 -10.42 36.93
CA GLU A 202 33.92 -11.12 35.72
C GLU A 202 33.25 -10.55 34.48
N ASN A 203 32.00 -10.11 34.60
CA ASN A 203 31.31 -9.49 33.47
C ASN A 203 32.04 -8.24 33.00
N LYS A 204 32.56 -7.44 33.94
CA LYS A 204 33.30 -6.23 33.55
C LYS A 204 34.58 -6.57 32.80
N ARG A 205 35.32 -7.57 33.29
CA ARG A 205 36.54 -7.99 32.59
C ARG A 205 36.20 -8.52 31.20
N GLN A 206 35.08 -9.24 31.09
CA GLN A 206 34.62 -9.72 29.79
C GLN A 206 34.20 -8.57 28.89
N PHE A 207 33.41 -7.64 29.43
CA PHE A 207 32.91 -6.52 28.64
C PHE A 207 34.05 -5.67 28.07
N GLN A 208 35.05 -5.37 28.91
CA GLN A 208 36.17 -4.55 28.44
C GLN A 208 37.04 -5.29 27.44
N GLU A 209 37.15 -6.61 27.58
CA GLU A 209 37.90 -7.38 26.60
C GLU A 209 37.22 -7.36 25.24
N ASP A 210 35.88 -7.43 25.22
CA ASP A 210 35.15 -7.38 23.97
C ASP A 210 35.23 -6.00 23.33
N ILE A 211 35.28 -4.94 24.14
CA ILE A 211 35.44 -3.60 23.60
C ILE A 211 36.81 -3.46 22.95
N LYS A 212 37.86 -3.99 23.60
CA LYS A 212 39.21 -3.89 23.05
C LYS A 212 39.32 -4.64 21.73
N VAL A 213 38.67 -5.80 21.63
CA VAL A 213 38.71 -6.59 20.41
C VAL A 213 38.10 -5.79 19.25
N MET A 214 36.94 -5.18 19.48
CA MET A 214 36.33 -4.36 18.45
C MET A 214 37.20 -3.15 18.12
N ASN A 215 37.72 -2.48 19.15
CA ASN A 215 38.55 -1.30 18.92
C ASN A 215 39.85 -1.65 18.19
N ASP A 216 40.46 -2.79 18.53
CA ASP A 216 41.75 -3.13 17.94
C ASP A 216 41.63 -3.44 16.46
N LEU A 217 40.63 -4.22 16.06
CA LEU A 217 40.46 -4.53 14.64
C LEU A 217 40.11 -3.28 13.85
N VAL A 218 39.17 -2.48 14.37
CA VAL A 218 38.71 -1.31 13.65
C VAL A 218 39.83 -0.30 13.47
N ASP A 219 40.47 0.10 14.59
CA ASP A 219 41.56 1.07 14.51
C ASP A 219 42.71 0.57 13.64
N LYS A 220 42.89 -0.75 13.56
CA LYS A 220 43.91 -1.31 12.68
C LYS A 220 43.56 -1.09 11.22
N ILE A 221 42.32 -1.37 10.84
CA ILE A 221 41.90 -1.18 9.45
C ILE A 221 41.94 0.29 9.06
N ILE A 222 41.55 1.17 9.98
CA ILE A 222 41.63 2.61 9.72
C ILE A 222 43.07 3.01 9.39
N ALA A 223 44.02 2.55 10.20
CA ALA A 223 45.43 2.83 9.94
C ALA A 223 45.90 2.15 8.66
N ASP A 224 45.40 0.94 8.38
CA ASP A 224 45.80 0.23 7.17
C ASP A 224 45.36 0.99 5.92
N ARG A 225 44.10 1.37 5.86
CA ARG A 225 43.58 2.13 4.72
C ARG A 225 44.23 3.51 4.65
N SER A 228 48.40 3.41 3.22
CA SER A 228 48.16 2.89 1.87
C SER A 228 47.63 3.99 0.95
N GLY A 229 46.52 4.61 1.35
CA GLY A 229 45.89 5.61 0.51
C GLY A 229 45.02 5.09 -0.61
N GLU A 230 44.76 3.77 -0.64
CA GLU A 230 43.96 3.21 -1.72
C GLU A 230 42.51 3.69 -1.63
N GLN A 231 41.92 3.95 -2.79
CA GLN A 231 40.54 4.43 -2.89
C GLN A 231 39.62 3.26 -3.19
N SER A 232 38.49 3.21 -2.47
CA SER A 232 37.51 2.14 -2.60
C SER A 232 36.12 2.74 -2.72
N ASP A 233 35.16 1.89 -3.04
CA ASP A 233 33.76 2.31 -3.13
C ASP A 233 33.03 1.90 -1.86
N ASP A 234 33.42 2.54 -0.76
CA ASP A 234 32.94 2.13 0.54
C ASP A 234 32.80 3.33 1.48
N LEU A 235 32.22 3.06 2.65
CA LEU A 235 31.98 4.10 3.65
C LEU A 235 33.28 4.67 4.20
N LEU A 236 34.30 3.82 4.35
CA LEU A 236 35.55 4.26 4.98
C LEU A 236 36.22 5.38 4.18
N THR A 237 36.18 5.28 2.86
CA THR A 237 36.76 6.32 2.02
C THR A 237 36.12 7.67 2.29
N HIS A 238 34.79 7.72 2.29
CA HIS A 238 34.08 8.97 2.53
C HIS A 238 34.36 9.50 3.94
N MET A 239 34.49 8.62 4.93
CA MET A 239 34.76 9.09 6.29
C MET A 239 36.16 9.65 6.42
N LEU A 240 37.14 9.04 5.75
CA LEU A 240 38.52 9.51 5.84
C LEU A 240 38.73 10.81 5.08
N ASN A 241 37.99 11.02 3.99
CA ASN A 241 38.20 12.16 3.11
C ASN A 241 37.08 13.19 3.17
N GLY A 242 35.93 12.85 3.73
CA GLY A 242 34.80 13.76 3.71
C GLY A 242 34.93 14.88 4.73
N LYS A 243 34.43 16.05 4.35
CA LYS A 243 34.41 17.23 5.20
C LYS A 243 32.98 17.69 5.37
N ASP A 244 32.59 17.97 6.61
CA ASP A 244 31.27 18.51 6.89
C ASP A 244 31.11 19.87 6.24
N PRO A 245 30.13 20.06 5.35
CA PRO A 245 29.96 21.38 4.73
C PRO A 245 29.67 22.49 5.73
N GLU A 246 29.08 22.16 6.88
CA GLU A 246 28.75 23.19 7.86
C GLU A 246 30.00 23.66 8.60
N THR A 247 30.64 22.76 9.36
CA THR A 247 31.82 23.14 10.14
C THR A 247 33.09 23.18 9.30
N GLY A 248 33.09 22.58 8.12
CA GLY A 248 34.32 22.44 7.36
C GLY A 248 35.29 21.42 7.89
N GLU A 249 34.91 20.67 8.95
CA GLU A 249 35.79 19.72 9.62
C GLU A 249 35.53 18.30 9.14
N PRO A 250 36.57 17.48 9.08
CA PRO A 250 36.37 16.04 8.91
C PRO A 250 36.26 15.34 10.26
N LEU A 251 35.76 14.11 10.21
CA LEU A 251 35.72 13.29 11.42
C LEU A 251 37.12 12.89 11.85
N ASP A 252 37.38 12.95 13.15
CA ASP A 252 38.64 12.44 13.64
C ASP A 252 38.61 10.92 13.69
N ASP A 253 39.79 10.32 13.83
CA ASP A 253 39.90 8.87 13.71
C ASP A 253 39.12 8.14 14.81
N GLU A 254 39.02 8.74 16.00
CA GLU A 254 38.28 8.10 17.08
C GLU A 254 36.80 8.01 16.76
N ASN A 255 36.21 9.10 16.27
CA ASN A 255 34.81 9.07 15.90
C ASN A 255 34.58 8.18 14.68
N ILE A 256 35.56 8.12 13.77
CA ILE A 256 35.45 7.21 12.64
C ILE A 256 35.35 5.78 13.12
N ARG A 257 36.12 5.43 14.15
CA ARG A 257 36.04 4.08 14.73
C ARG A 257 34.66 3.83 15.33
N TYR A 258 34.08 4.84 15.99
CA TYR A 258 32.74 4.67 16.54
C TYR A 258 31.71 4.51 15.42
N GLN A 259 31.89 5.21 14.31
CA GLN A 259 30.98 5.03 13.19
C GLN A 259 31.11 3.63 12.59
N ILE A 260 32.34 3.11 12.51
CA ILE A 260 32.53 1.77 11.99
C ILE A 260 31.82 0.75 12.85
N ILE A 261 32.05 0.81 14.16
CA ILE A 261 31.35 -0.06 15.10
C ILE A 261 29.85 0.11 14.97
N THR A 262 29.38 1.36 14.88
CA THR A 262 27.95 1.62 14.75
C THR A 262 27.38 0.99 13.48
N PHE A 263 28.06 1.21 12.35
CA PHE A 263 27.56 0.67 11.09
C PHE A 263 27.72 -0.85 11.02
N LEU A 264 28.75 -1.41 11.65
CA LEU A 264 28.84 -2.86 11.70
C LEU A 264 27.71 -3.45 12.53
N ILE A 265 27.40 -2.84 13.67
CA ILE A 265 26.26 -3.29 14.48
C ILE A 265 24.95 -3.02 13.74
N ALA A 266 24.63 -1.74 13.53
CA ALA A 266 23.35 -1.35 12.95
C ALA A 266 23.21 -1.79 11.50
N GLY A 267 24.32 -2.04 10.82
CA GLY A 267 24.26 -2.42 9.42
C GLY A 267 23.95 -3.86 9.11
N HIS A 268 23.81 -4.72 10.10
CA HIS A 268 23.65 -6.12 9.73
C HIS A 268 22.50 -6.82 10.44
N GLU A 269 22.30 -6.56 11.73
CA GLU A 269 21.43 -7.46 12.48
C GLU A 269 19.96 -7.17 12.23
N THR A 270 19.59 -5.89 12.16
CA THR A 270 18.21 -5.53 11.86
C THR A 270 17.83 -5.98 10.46
N THR A 271 18.76 -5.89 9.52
CA THR A 271 18.49 -6.33 8.16
C THR A 271 18.32 -7.84 8.09
N SER A 272 19.16 -8.59 8.83
CA SER A 272 19.02 -10.04 8.85
C SER A 272 17.69 -10.44 9.47
N GLY A 273 17.25 -9.74 10.51
CA GLY A 273 15.94 -9.98 11.07
C GLY A 273 14.83 -9.76 10.07
N LEU A 274 14.92 -8.67 9.28
CA LEU A 274 13.90 -8.39 8.28
C LEU A 274 13.80 -9.52 7.26
N LEU A 275 14.95 -9.94 6.70
CA LEU A 275 14.94 -11.03 5.74
C LEU A 275 14.41 -12.32 6.36
N SER A 276 14.76 -12.58 7.62
CA SER A 276 14.28 -13.78 8.30
C SER A 276 12.78 -13.74 8.50
N PHE A 277 12.26 -12.59 8.98
CA PHE A 277 10.81 -12.46 9.15
C PHE A 277 10.09 -12.50 7.81
N ALA A 278 10.68 -11.89 6.78
CA ALA A 278 10.04 -11.88 5.47
C ALA A 278 9.88 -13.30 4.93
N LEU A 279 10.95 -14.10 5.01
CA LEU A 279 10.86 -15.48 4.55
C LEU A 279 9.88 -16.29 5.38
N TYR A 280 9.85 -16.03 6.70
CA TYR A 280 8.85 -16.68 7.55
C TYR A 280 7.43 -16.42 7.05
N PHE A 281 7.09 -15.14 6.86
CA PHE A 281 5.73 -14.82 6.43
C PHE A 281 5.43 -15.37 5.05
N LEU A 282 6.45 -15.46 4.19
CA LEU A 282 6.23 -15.99 2.84
C LEU A 282 5.86 -17.47 2.88
N VAL A 283 6.59 -18.27 3.66
CA VAL A 283 6.28 -19.70 3.73
C VAL A 283 5.01 -19.96 4.53
N LYS A 284 4.59 -19.02 5.36
CA LYS A 284 3.32 -19.13 6.07
C LYS A 284 2.14 -18.60 5.27
N ASN A 285 2.40 -17.90 4.16
CA ASN A 285 1.35 -17.35 3.31
C ASN A 285 1.69 -17.71 1.87
N PRO A 286 1.35 -18.93 1.44
CA PRO A 286 1.81 -19.40 0.13
C PRO A 286 1.31 -18.57 -1.04
N HIS A 287 0.13 -17.95 -0.93
CA HIS A 287 -0.35 -17.10 -2.03
C HIS A 287 0.53 -15.87 -2.19
N VAL A 288 1.00 -15.31 -1.07
CA VAL A 288 1.92 -14.17 -1.14
C VAL A 288 3.26 -14.62 -1.72
N LEU A 289 3.74 -15.78 -1.30
CA LEU A 289 5.00 -16.31 -1.83
C LEU A 289 4.92 -16.48 -3.34
N GLN A 290 3.79 -17.00 -3.84
CA GLN A 290 3.64 -17.20 -5.27
C GLN A 290 3.67 -15.87 -6.03
N LYS A 291 3.03 -14.84 -5.47
CA LYS A 291 3.07 -13.53 -6.11
C LYS A 291 4.48 -12.95 -6.11
N ALA A 292 5.22 -13.14 -5.01
CA ALA A 292 6.58 -12.62 -4.95
C ALA A 292 7.52 -13.40 -5.85
N ALA A 293 7.38 -14.73 -5.88
CA ALA A 293 8.21 -15.54 -6.77
C ALA A 293 7.90 -15.25 -8.23
N GLU A 294 6.64 -14.93 -8.53
CA GLU A 294 6.25 -14.59 -9.90
C GLU A 294 6.95 -13.32 -10.36
N GLU A 295 6.92 -12.28 -9.53
CA GLU A 295 7.58 -11.03 -9.88
C GLU A 295 9.07 -11.23 -10.08
N ALA A 296 9.71 -11.99 -9.17
CA ALA A 296 11.13 -12.25 -9.28
C ALA A 296 11.48 -12.92 -10.59
N ALA A 297 10.70 -13.93 -11.00
CA ALA A 297 10.97 -14.61 -12.26
C ALA A 297 10.73 -13.68 -13.44
N ARG A 298 9.73 -12.82 -13.37
CA ARG A 298 9.43 -11.92 -14.48
C ARG A 298 10.41 -10.76 -14.56
N VAL A 299 10.93 -10.29 -13.43
CA VAL A 299 11.78 -9.11 -13.41
C VAL A 299 13.26 -9.49 -13.52
N LEU A 300 13.69 -10.52 -12.79
CA LEU A 300 15.12 -10.87 -12.73
C LEU A 300 15.48 -11.80 -13.89
N VAL A 301 15.54 -11.19 -15.08
CA VAL A 301 15.74 -11.96 -16.31
C VAL A 301 17.20 -12.26 -16.63
N ASP A 302 18.13 -11.69 -15.87
CA ASP A 302 19.56 -11.89 -16.10
C ASP A 302 20.17 -12.76 -15.02
N PRO A 303 21.29 -13.44 -15.29
CA PRO A 303 21.91 -14.27 -14.25
C PRO A 303 22.33 -13.50 -13.02
N VAL A 304 22.65 -12.22 -13.18
CA VAL A 304 23.01 -11.33 -12.08
C VAL A 304 22.02 -10.17 -12.10
N PRO A 305 21.37 -9.84 -10.98
CA PRO A 305 20.42 -8.73 -10.99
C PRO A 305 21.14 -7.39 -11.09
N SER A 306 20.58 -6.50 -11.90
CA SER A 306 21.08 -5.14 -12.02
C SER A 306 20.44 -4.25 -10.95
N TYR A 307 21.01 -3.06 -10.76
CA TYR A 307 20.44 -2.10 -9.84
C TYR A 307 19.02 -1.72 -10.26
N LYS A 308 18.80 -1.51 -11.56
CA LYS A 308 17.48 -1.12 -12.04
C LYS A 308 16.47 -2.26 -11.88
N GLN A 309 16.91 -3.50 -12.02
CA GLN A 309 16.00 -4.63 -11.85
C GLN A 309 15.53 -4.74 -10.41
N VAL A 310 16.42 -4.47 -9.45
CA VAL A 310 16.03 -4.52 -8.04
C VAL A 310 14.98 -3.47 -7.74
N LYS A 311 15.15 -2.26 -8.30
CA LYS A 311 14.16 -1.21 -8.11
C LYS A 311 12.81 -1.56 -8.74
N GLN A 312 12.80 -2.53 -9.66
CA GLN A 312 11.59 -2.96 -10.33
C GLN A 312 10.80 -3.98 -9.51
N LEU A 313 11.40 -4.55 -8.46
CA LEU A 313 10.74 -5.57 -7.63
C LEU A 313 9.76 -4.90 -6.66
N LYS A 314 8.66 -4.40 -7.23
CA LYS A 314 7.70 -3.65 -6.43
C LYS A 314 7.06 -4.52 -5.36
N TYR A 315 6.63 -5.73 -5.73
CA TYR A 315 5.91 -6.58 -4.78
C TYR A 315 6.83 -7.10 -3.68
N VAL A 316 8.08 -7.44 -4.03
CA VAL A 316 9.05 -7.85 -3.01
C VAL A 316 9.22 -6.75 -1.98
N GLY A 317 9.30 -5.49 -2.43
CA GLY A 317 9.38 -4.38 -1.50
C GLY A 317 8.16 -4.25 -0.62
N MET A 318 6.98 -4.60 -1.15
CA MET A 318 5.77 -4.60 -0.34
C MET A 318 5.83 -5.68 0.72
N VAL A 319 6.35 -6.86 0.36
CA VAL A 319 6.52 -7.94 1.32
C VAL A 319 7.40 -7.50 2.48
N LEU A 320 8.50 -6.80 2.17
CA LEU A 320 9.43 -6.38 3.22
C LEU A 320 8.80 -5.32 4.13
N ASN A 321 8.02 -4.41 3.55
CA ASN A 321 7.36 -3.39 4.37
C ASN A 321 6.32 -4.01 5.29
N GLU A 322 5.57 -5.01 4.80
CA GLU A 322 4.60 -5.68 5.66
C GLU A 322 5.30 -6.51 6.73
N ALA A 323 6.47 -7.07 6.42
CA ALA A 323 7.27 -7.72 7.46
C ALA A 323 7.76 -6.70 8.48
N LEU A 324 8.16 -5.51 8.01
CA LEU A 324 8.56 -4.44 8.93
C LEU A 324 7.37 -3.92 9.72
N ARG A 325 6.17 -4.01 9.17
CA ARG A 325 4.99 -3.60 9.94
C ARG A 325 4.77 -4.52 11.13
N LEU A 326 4.70 -5.83 10.90
CA LEU A 326 4.38 -6.75 11.98
C LEU A 326 5.53 -6.87 12.96
N TRP A 327 6.77 -7.01 12.47
CA TRP A 327 7.93 -7.21 13.34
C TRP A 327 9.06 -6.27 12.93
N PRO A 328 8.93 -4.98 13.26
CA PRO A 328 10.05 -4.05 13.05
C PRO A 328 11.23 -4.46 13.92
N THR A 329 12.37 -4.71 13.28
CA THR A 329 13.48 -5.35 13.96
C THR A 329 14.26 -4.41 14.87
N ALA A 330 14.04 -3.09 14.77
CA ALA A 330 14.47 -2.17 15.81
C ALA A 330 13.20 -1.63 16.47
N PRO A 331 12.64 -2.37 17.43
CA PRO A 331 11.22 -2.21 17.76
C PRO A 331 10.87 -0.98 18.60
N ALA A 332 11.81 -0.13 18.98
CA ALA A 332 11.44 1.02 19.80
C ALA A 332 12.48 2.11 19.68
N PHE A 333 12.04 3.36 19.85
CA PHE A 333 12.95 4.48 20.00
C PHE A 333 12.40 5.43 21.05
N SER A 334 13.30 6.24 21.61
CA SER A 334 13.01 7.07 22.77
C SER A 334 13.06 8.54 22.41
N LEU A 335 12.23 9.32 23.08
CA LEU A 335 12.14 10.76 22.86
C LEU A 335 12.04 11.47 24.21
N TYR A 336 12.40 12.75 24.21
CA TYR A 336 12.24 13.59 25.39
C TYR A 336 11.59 14.90 25.00
N ALA A 337 10.79 15.45 25.91
CA ALA A 337 10.12 16.71 25.65
C ALA A 337 11.12 17.85 25.72
N LYS A 338 11.16 18.66 24.65
CA LYS A 338 12.09 19.79 24.64
C LYS A 338 11.65 20.87 25.62
N GLU A 339 10.33 21.08 25.75
CA GLU A 339 9.78 22.02 26.70
C GLU A 339 8.52 21.42 27.30
N ASP A 340 7.95 22.12 28.28
CA ASP A 340 6.64 21.73 28.80
C ASP A 340 5.62 21.71 27.68
N THR A 341 4.83 20.64 27.61
CA THR A 341 3.87 20.49 26.54
C THR A 341 2.80 19.48 26.97
N VAL A 342 1.68 19.51 26.26
CA VAL A 342 0.56 18.61 26.52
C VAL A 342 0.40 17.70 25.31
N LEU A 343 0.47 16.40 25.53
CA LEU A 343 0.39 15.41 24.46
C LEU A 343 -1.08 14.99 24.27
N GLY A 344 -1.60 15.12 23.06
CA GLY A 344 -2.96 14.65 22.85
C GLY A 344 -4.01 15.31 23.71
N GLY A 345 -3.68 16.44 24.35
CA GLY A 345 -4.64 17.17 25.16
C GLY A 345 -5.00 16.58 26.50
N GLU A 346 -4.27 15.58 27.02
CA GLU A 346 -4.70 14.95 28.27
C GLU A 346 -3.61 14.62 29.26
N TYR A 347 -2.35 14.46 28.86
CA TYR A 347 -1.28 14.07 29.79
C TYR A 347 -0.21 15.15 29.71
N PRO A 348 -0.18 16.11 30.62
CA PRO A 348 0.84 17.15 30.56
C PRO A 348 2.22 16.57 30.81
N LEU A 349 3.21 17.09 30.09
CA LEU A 349 4.59 16.67 30.22
C LEU A 349 5.48 17.86 30.54
N GLU A 350 6.46 17.64 31.39
CA GLU A 350 7.45 18.66 31.72
C GLU A 350 8.71 18.46 30.89
N LYS A 351 9.49 19.54 30.78
CA LYS A 351 10.75 19.50 30.04
C LYS A 351 11.61 18.32 30.51
N GLY A 352 12.08 17.53 29.54
CA GLY A 352 12.89 16.38 29.83
C GLY A 352 12.14 15.08 30.06
N ASP A 353 10.81 15.12 30.12
CA ASP A 353 10.05 13.88 30.27
C ASP A 353 10.27 12.97 29.06
N GLU A 354 10.38 11.67 29.33
CA GLU A 354 10.76 10.71 28.31
C GLU A 354 9.55 9.96 27.76
N LEU A 355 9.61 9.64 26.48
CA LEU A 355 8.60 8.85 25.79
C LEU A 355 9.27 7.69 25.08
N MET A 356 8.60 6.55 25.05
CA MET A 356 9.03 5.40 24.26
C MET A 356 7.97 5.12 23.21
N VAL A 357 8.38 4.97 21.96
CA VAL A 357 7.49 4.60 20.87
C VAL A 357 7.60 3.10 20.70
N LEU A 358 6.51 2.39 20.97
CA LEU A 358 6.45 0.94 20.81
C LEU A 358 6.01 0.66 19.37
N ILE A 359 7.00 0.55 18.49
CA ILE A 359 6.72 0.47 17.06
C ILE A 359 5.79 -0.68 16.69
N PRO A 360 5.99 -1.91 17.19
CA PRO A 360 5.06 -3.00 16.81
C PRO A 360 3.62 -2.71 17.17
N GLN A 361 3.38 -1.97 18.25
CA GLN A 361 2.01 -1.63 18.64
C GLN A 361 1.44 -0.53 17.75
N LEU A 362 2.27 0.48 17.43
CA LEU A 362 1.86 1.48 16.45
C LEU A 362 1.42 0.84 15.15
N HIS A 363 2.15 -0.18 14.70
CA HIS A 363 1.84 -0.89 13.47
C HIS A 363 0.65 -1.83 13.60
N ARG A 364 0.07 -1.96 14.79
CA ARG A 364 -1.16 -2.72 15.00
C ARG A 364 -2.33 -1.83 15.40
N ASP A 365 -2.20 -0.51 15.20
CA ASP A 365 -3.27 0.43 15.52
C ASP A 365 -4.46 0.17 14.61
N LYS A 366 -5.55 -0.36 15.17
CA LYS A 366 -6.68 -0.77 14.35
C LYS A 366 -7.39 0.43 13.73
N THR A 367 -7.31 1.60 14.36
CA THR A 367 -7.92 2.79 13.78
C THR A 367 -7.22 3.24 12.51
N ILE A 368 -5.98 2.81 12.30
CA ILE A 368 -5.22 3.12 11.09
C ILE A 368 -5.30 2.00 10.07
N TRP A 369 -5.04 0.76 10.51
CA TRP A 369 -4.83 -0.36 9.60
C TRP A 369 -6.06 -1.24 9.43
N GLY A 370 -7.09 -1.05 10.23
CA GLY A 370 -8.25 -1.93 10.23
C GLY A 370 -8.13 -2.98 11.32
N ASP A 371 -9.10 -3.89 11.32
CA ASP A 371 -9.17 -4.89 12.39
C ASP A 371 -8.27 -6.09 12.15
N ASP A 372 -7.88 -6.36 10.90
CA ASP A 372 -7.07 -7.53 10.57
C ASP A 372 -5.57 -7.26 10.72
N VAL A 373 -5.15 -6.58 11.79
CA VAL A 373 -3.76 -6.12 11.89
C VAL A 373 -2.77 -7.27 11.98
N GLU A 374 -3.19 -8.46 12.43
CA GLU A 374 -2.26 -9.57 12.57
C GLU A 374 -2.05 -10.34 11.29
N GLU A 375 -2.84 -10.09 10.25
CA GLU A 375 -2.69 -10.81 9.00
C GLU A 375 -1.58 -10.19 8.17
N PHE A 376 -0.86 -11.05 7.44
CA PHE A 376 0.23 -10.62 6.57
C PHE A 376 -0.34 -10.32 5.19
N ARG A 377 -0.47 -9.05 4.87
CA ARG A 377 -1.02 -8.61 3.58
C ARG A 377 -0.14 -7.52 3.01
N PRO A 378 0.81 -7.87 2.13
CA PRO A 378 1.66 -6.82 1.51
C PRO A 378 0.86 -5.79 0.74
N GLU A 379 -0.36 -6.13 0.32
CA GLU A 379 -1.20 -5.21 -0.43
C GLU A 379 -1.56 -3.96 0.36
N ARG A 380 -1.35 -3.95 1.68
CA ARG A 380 -1.47 -2.71 2.45
C ARG A 380 -0.57 -1.62 1.90
N PHE A 381 0.55 -2.00 1.28
CA PHE A 381 1.54 -1.06 0.79
C PHE A 381 1.46 -0.90 -0.73
N GLU A 382 0.29 -1.21 -1.29
CA GLU A 382 0.02 -1.00 -2.71
C GLU A 382 0.28 0.45 -3.11
N ASN A 383 -0.27 1.39 -2.34
CA ASN A 383 -0.07 2.83 -2.53
C ASN A 383 0.68 3.39 -1.33
N PRO A 384 1.96 3.74 -1.45
CA PRO A 384 2.66 4.29 -0.27
C PRO A 384 2.00 5.55 0.27
N SER A 385 1.42 6.38 -0.60
CA SER A 385 0.78 7.61 -0.15
C SER A 385 -0.50 7.36 0.64
N ALA A 386 -1.13 6.18 0.49
CA ALA A 386 -2.34 5.89 1.23
C ALA A 386 -2.08 5.75 2.74
N ILE A 387 -0.86 5.39 3.11
CA ILE A 387 -0.54 5.21 4.54
C ILE A 387 -0.51 6.57 5.22
N PRO A 388 -1.24 6.75 6.32
CA PRO A 388 -1.25 8.05 7.00
C PRO A 388 0.12 8.42 7.56
N GLN A 389 0.30 9.72 7.81
CA GLN A 389 1.56 10.22 8.34
C GLN A 389 1.83 9.65 9.73
N HIS A 390 3.09 9.22 9.94
CA HIS A 390 3.57 8.73 11.22
C HIS A 390 2.86 7.46 11.69
N ALA A 391 2.20 6.75 10.77
CA ALA A 391 1.58 5.47 11.09
C ALA A 391 2.52 4.29 10.91
N PHE A 392 3.57 4.46 10.11
CA PHE A 392 4.50 3.39 9.75
C PHE A 392 5.91 3.93 9.97
N LYS A 393 6.56 3.52 11.07
CA LYS A 393 7.84 4.08 11.49
C LYS A 393 8.89 3.02 11.78
N PRO A 394 9.14 2.08 10.86
CA PRO A 394 10.15 1.06 11.13
C PRO A 394 11.57 1.59 11.15
N PHE A 395 11.79 2.79 10.60
CA PHE A 395 13.14 3.38 10.53
C PHE A 395 13.25 4.65 11.35
N GLY A 396 12.42 4.83 12.37
CA GLY A 396 12.52 6.00 13.22
C GLY A 396 11.84 7.22 12.63
N ASN A 397 12.26 8.39 13.11
CA ASN A 397 11.55 9.62 12.80
C ASN A 397 12.52 10.77 12.57
N GLY A 398 12.16 11.65 11.64
CA GLY A 398 12.76 12.95 11.44
C GLY A 398 14.22 12.88 11.04
N GLN A 399 14.97 13.88 11.50
CA GLN A 399 16.40 13.93 11.21
C GLN A 399 17.18 12.82 11.90
N ARG A 400 16.61 12.20 12.93
CA ARG A 400 17.24 11.06 13.61
C ARG A 400 16.74 9.73 13.06
N ALA A 401 16.11 9.73 11.89
CA ALA A 401 15.68 8.48 11.29
C ALA A 401 16.88 7.68 10.80
N CYS A 402 16.64 6.40 10.51
CA CYS A 402 17.68 5.50 10.05
C CYS A 402 18.38 6.03 8.81
N ILE A 403 19.69 6.27 8.92
CA ILE A 403 20.46 6.71 7.76
C ILE A 403 20.63 5.58 6.75
N GLY A 404 20.59 4.33 7.21
CA GLY A 404 20.83 3.20 6.34
C GLY A 404 19.58 2.54 5.77
N GLN A 405 18.45 3.26 5.81
CA GLN A 405 17.18 2.69 5.35
C GLN A 405 17.28 2.21 3.91
N GLN A 406 17.79 3.04 3.01
CA GLN A 406 17.89 2.64 1.61
C GLN A 406 18.90 1.52 1.42
N PHE A 407 19.96 1.49 2.23
CA PHE A 407 20.92 0.39 2.17
C PHE A 407 20.27 -0.93 2.55
N ALA A 408 19.56 -0.95 3.68
CA ALA A 408 18.92 -2.18 4.15
C ALA A 408 17.87 -2.67 3.15
N LEU A 409 17.04 -1.75 2.64
CA LEU A 409 15.97 -2.15 1.75
C LEU A 409 16.48 -2.60 0.39
N HIS A 410 17.56 -1.99 -0.11
CA HIS A 410 18.13 -2.45 -1.37
C HIS A 410 18.73 -3.84 -1.22
N GLU A 411 19.52 -4.05 -0.16
CA GLU A 411 20.10 -5.36 0.09
C GLU A 411 19.01 -6.42 0.29
N ALA A 412 17.98 -6.08 1.06
CA ALA A 412 16.92 -7.06 1.34
C ALA A 412 16.11 -7.38 0.10
N THR A 413 15.82 -6.37 -0.73
CA THR A 413 15.08 -6.62 -1.96
C THR A 413 15.90 -7.47 -2.93
N LEU A 414 17.19 -7.13 -3.09
CA LEU A 414 18.06 -7.92 -3.96
C LEU A 414 18.13 -9.37 -3.51
N VAL A 415 18.37 -9.59 -2.21
CA VAL A 415 18.58 -10.94 -1.71
C VAL A 415 17.29 -11.74 -1.76
N LEU A 416 16.19 -11.15 -1.27
CA LEU A 416 14.91 -11.87 -1.29
C LEU A 416 14.48 -12.15 -2.72
N GLY A 417 14.74 -11.23 -3.64
CA GLY A 417 14.42 -11.49 -5.04
C GLY A 417 15.18 -12.67 -5.61
N MET A 418 16.49 -12.74 -5.32
CA MET A 418 17.29 -13.87 -5.81
C MET A 418 16.87 -15.18 -5.16
N MET A 419 16.55 -15.14 -3.86
CA MET A 419 16.07 -16.34 -3.17
C MET A 419 14.80 -16.87 -3.84
N LEU A 420 13.85 -15.99 -4.11
CA LEU A 420 12.59 -16.41 -4.70
C LEU A 420 12.75 -16.83 -6.16
N LYS A 421 13.76 -16.28 -6.85
CA LYS A 421 13.99 -16.67 -8.24
C LYS A 421 14.57 -18.08 -8.33
N HIS A 422 15.44 -18.44 -7.41
CA HIS A 422 16.26 -19.64 -7.57
C HIS A 422 15.76 -20.86 -6.80
N PHE A 423 14.87 -20.69 -5.82
CA PHE A 423 14.47 -21.81 -4.97
C PHE A 423 12.97 -21.79 -4.71
N ASP A 424 12.42 -23.00 -4.58
CA ASP A 424 11.15 -23.20 -3.89
C ASP A 424 11.44 -23.50 -2.42
N PHE A 425 10.59 -23.01 -1.53
CA PHE A 425 10.82 -23.14 -0.10
C PHE A 425 9.72 -23.95 0.55
N GLU A 426 10.10 -24.76 1.54
CA GLU A 426 9.17 -25.59 2.28
C GLU A 426 9.32 -25.37 3.78
N ASP A 427 8.22 -25.08 4.46
CA ASP A 427 8.16 -24.98 5.91
C ASP A 427 8.02 -26.40 6.48
N HIS A 428 9.14 -27.15 6.42
CA HIS A 428 9.09 -28.58 6.62
C HIS A 428 8.81 -28.99 8.06
N THR A 429 9.10 -28.14 9.03
CA THR A 429 8.81 -28.44 10.43
C THR A 429 7.50 -27.84 10.92
N ASN A 430 6.78 -27.12 10.05
CA ASN A 430 5.65 -26.29 10.48
C ASN A 430 6.10 -25.40 11.64
N TYR A 431 7.13 -24.62 11.36
CA TYR A 431 7.84 -23.86 12.40
C TYR A 431 6.88 -22.96 13.17
N GLU A 432 6.97 -23.02 14.49
CA GLU A 432 6.19 -22.16 15.37
C GLU A 432 7.02 -20.93 15.69
N LEU A 433 6.48 -19.75 15.40
CA LEU A 433 7.23 -18.51 15.53
C LEU A 433 7.72 -18.30 16.95
N ASP A 434 9.03 -18.15 17.10
CA ASP A 434 9.68 -17.92 18.39
C ASP A 434 10.65 -16.76 18.20
N ILE A 435 10.30 -15.59 18.73
CA ILE A 435 11.03 -14.37 18.47
C ILE A 435 12.05 -14.16 19.59
N LYS A 436 13.32 -14.37 19.28
CA LYS A 436 14.39 -14.09 20.23
C LYS A 436 14.66 -12.60 20.28
N GLU A 437 14.81 -12.07 21.49
CA GLU A 437 15.05 -10.65 21.70
C GLU A 437 16.44 -10.43 22.25
N THR A 438 17.25 -9.69 21.51
CA THR A 438 18.45 -9.07 22.06
C THR A 438 18.11 -7.60 22.28
N LEU A 439 18.76 -6.71 21.52
CA LEU A 439 18.20 -5.39 21.32
C LEU A 439 17.39 -5.30 20.05
N THR A 440 17.48 -6.32 19.19
CA THR A 440 16.70 -6.45 17.97
C THR A 440 15.87 -7.73 18.06
N LEU A 441 15.07 -7.98 17.02
CA LEU A 441 14.16 -9.12 16.97
C LEU A 441 14.56 -10.07 15.85
N LYS A 442 14.41 -11.37 16.09
CA LYS A 442 14.71 -12.39 15.10
C LYS A 442 13.88 -13.63 15.41
N PRO A 443 13.47 -14.38 14.38
CA PRO A 443 12.72 -15.63 14.62
C PRO A 443 13.65 -16.80 14.91
N GLU A 444 13.85 -17.11 16.19
CA GLU A 444 14.81 -18.11 16.59
C GLU A 444 14.40 -19.50 16.12
N GLY A 445 15.38 -20.26 15.62
CA GLY A 445 15.13 -21.63 15.19
C GLY A 445 14.38 -21.79 13.91
N PHE A 446 14.19 -20.72 13.14
CA PHE A 446 13.46 -20.80 11.88
C PHE A 446 14.29 -21.55 10.84
N VAL A 447 13.74 -22.66 10.34
CA VAL A 447 14.41 -23.50 9.35
C VAL A 447 13.45 -23.81 8.21
N VAL A 448 14.01 -23.96 7.01
CA VAL A 448 13.26 -24.34 5.82
C VAL A 448 14.09 -25.29 4.99
N LYS A 449 13.43 -25.91 4.01
CA LYS A 449 14.11 -26.62 2.93
C LYS A 449 13.94 -25.83 1.64
N ALA A 450 15.00 -25.78 0.85
CA ALA A 450 14.98 -25.12 -0.45
C ALA A 450 15.17 -26.17 -1.53
N LYS A 451 14.28 -26.17 -2.52
CA LYS A 451 14.41 -27.01 -3.70
C LYS A 451 14.85 -26.12 -4.85
N SER A 452 16.03 -26.38 -5.38
CA SER A 452 16.58 -25.54 -6.41
C SER A 452 15.74 -25.60 -7.68
N LYS A 453 15.55 -24.45 -8.31
CA LYS A 453 14.94 -24.38 -9.63
C LYS A 453 15.95 -24.59 -10.75
N LYS A 454 17.23 -24.77 -10.41
CA LYS A 454 18.28 -25.08 -11.38
C LYS A 454 18.46 -23.96 -12.40
N ILE A 455 18.40 -22.73 -11.93
CA ILE A 455 18.63 -21.56 -12.77
C ILE A 455 20.07 -21.08 -12.52
N PRO A 456 20.93 -21.11 -13.54
CA PRO A 456 22.35 -20.82 -13.29
C PRO A 456 22.60 -19.34 -13.05
N LEU A 457 23.77 -19.07 -12.47
CA LEU A 457 24.19 -17.70 -12.17
C LEU A 457 25.16 -17.19 -13.24
N LYS B 5 4.57 -12.72 -33.13
CA LYS B 5 5.27 -11.53 -33.60
C LYS B 5 4.30 -10.58 -34.33
N GLU B 6 3.71 -11.09 -35.41
CA GLU B 6 2.70 -10.35 -36.16
C GLU B 6 1.41 -10.24 -35.36
N MET B 7 0.99 -9.00 -35.07
CA MET B 7 -0.16 -8.80 -34.18
C MET B 7 -1.48 -8.92 -34.93
N PRO B 8 -2.45 -9.66 -34.41
CA PRO B 8 -3.78 -9.74 -35.03
C PRO B 8 -4.46 -8.37 -35.09
N GLN B 9 -5.38 -8.24 -36.04
CA GLN B 9 -6.12 -6.99 -36.20
C GLN B 9 -7.48 -7.30 -36.79
N PRO B 10 -8.56 -6.69 -36.28
CA PRO B 10 -9.89 -6.97 -36.86
C PRO B 10 -10.06 -6.35 -38.23
N LYS B 11 -11.23 -6.56 -38.84
CA LYS B 11 -11.45 -6.12 -40.21
C LYS B 11 -11.35 -4.61 -40.33
N THR B 12 -10.91 -4.15 -41.50
CA THR B 12 -10.67 -2.74 -41.76
C THR B 12 -11.67 -2.21 -42.79
N PHE B 13 -11.76 -0.88 -42.85
CA PHE B 13 -12.72 -0.19 -43.71
C PHE B 13 -11.99 0.84 -44.58
N GLY B 14 -10.99 0.35 -45.32
CA GLY B 14 -10.25 1.25 -46.18
C GLY B 14 -9.49 2.30 -45.39
N GLU B 15 -9.68 3.56 -45.77
CA GLU B 15 -8.97 4.65 -45.12
C GLU B 15 -9.41 4.87 -43.68
N LEU B 16 -10.61 4.41 -43.30
CA LEU B 16 -11.06 4.56 -41.92
C LEU B 16 -10.48 3.51 -40.99
N LYS B 17 -9.75 2.53 -41.53
CA LYS B 17 -9.09 1.48 -40.75
C LYS B 17 -10.13 0.78 -39.90
N ASN B 18 -9.94 0.64 -38.59
CA ASN B 18 -10.86 -0.08 -37.73
C ASN B 18 -11.92 0.81 -37.09
N LEU B 19 -11.84 2.13 -37.28
CA LEU B 19 -12.73 3.05 -36.58
C LEU B 19 -14.22 2.73 -36.73
N PRO B 20 -14.75 2.35 -37.91
CA PRO B 20 -16.18 2.04 -37.98
C PRO B 20 -16.62 0.87 -37.11
N LEU B 21 -15.68 0.05 -36.62
CA LEU B 21 -16.04 -1.01 -35.69
C LEU B 21 -16.58 -0.43 -34.38
N LEU B 22 -16.16 0.77 -34.01
CA LEU B 22 -16.65 1.43 -32.81
C LEU B 22 -17.87 2.30 -33.08
N ASN B 23 -18.35 2.36 -34.31
CA ASN B 23 -19.57 3.10 -34.65
C ASN B 23 -20.78 2.22 -34.34
N THR B 24 -20.96 1.99 -33.04
CA THR B 24 -22.04 1.13 -32.57
C THR B 24 -22.47 1.59 -31.20
N ASP B 25 -23.66 1.14 -30.79
CA ASP B 25 -24.22 1.49 -29.50
C ASP B 25 -23.55 0.75 -28.34
N LYS B 26 -22.86 -0.36 -28.62
CA LYS B 26 -22.24 -1.19 -27.59
C LYS B 26 -20.79 -1.49 -27.97
N PRO B 27 -19.91 -0.49 -27.88
CA PRO B 27 -18.52 -0.71 -28.34
C PRO B 27 -17.70 -1.65 -27.47
N VAL B 28 -17.84 -1.59 -26.14
CA VAL B 28 -17.09 -2.49 -25.27
C VAL B 28 -17.43 -3.95 -25.61
N GLN B 29 -18.73 -4.23 -25.74
CA GLN B 29 -19.15 -5.59 -26.06
C GLN B 29 -18.72 -5.99 -27.46
N ALA B 30 -18.66 -5.04 -28.40
CA ALA B 30 -18.10 -5.33 -29.71
C ALA B 30 -16.62 -5.66 -29.61
N LEU B 31 -15.88 -4.92 -28.77
CA LEU B 31 -14.46 -5.20 -28.58
C LEU B 31 -14.26 -6.56 -27.89
N MET B 32 -15.16 -6.92 -26.99
CA MET B 32 -15.07 -8.23 -26.33
C MET B 32 -15.24 -9.36 -27.34
N LYS B 33 -16.17 -9.19 -28.28
CA LYS B 33 -16.36 -10.20 -29.33
C LYS B 33 -15.14 -10.28 -30.24
N ILE B 34 -14.51 -9.14 -30.54
CA ILE B 34 -13.28 -9.15 -31.32
C ILE B 34 -12.19 -9.89 -30.58
N ALA B 35 -12.07 -9.67 -29.27
CA ALA B 35 -11.06 -10.36 -28.47
C ALA B 35 -11.30 -11.86 -28.48
N ASP B 36 -12.56 -12.29 -28.45
CA ASP B 36 -12.87 -13.72 -28.54
C ASP B 36 -12.33 -14.31 -29.83
N GLU B 37 -12.44 -13.57 -30.94
CA GLU B 37 -12.00 -14.09 -32.23
C GLU B 37 -10.49 -14.05 -32.38
N LEU B 38 -9.84 -12.98 -31.91
CA LEU B 38 -8.44 -12.74 -32.21
C LEU B 38 -7.48 -13.09 -31.08
N GLY B 39 -7.96 -13.18 -29.84
CA GLY B 39 -7.10 -13.64 -28.77
C GLY B 39 -6.64 -12.57 -27.80
N GLU B 40 -5.45 -12.79 -27.20
CA GLU B 40 -5.02 -11.99 -26.06
C GLU B 40 -4.60 -10.57 -26.43
N ILE B 41 -4.33 -10.31 -27.70
CA ILE B 41 -3.92 -8.96 -28.11
C ILE B 41 -4.28 -8.77 -29.59
N PHE B 42 -4.83 -7.60 -29.89
CA PHE B 42 -5.04 -7.20 -31.27
C PHE B 42 -4.80 -5.71 -31.41
N LYS B 43 -4.35 -5.31 -32.61
CA LYS B 43 -4.12 -3.91 -32.93
C LYS B 43 -5.42 -3.28 -33.39
N PHE B 44 -5.65 -2.04 -32.99
CA PHE B 44 -6.81 -1.28 -33.40
C PHE B 44 -6.34 0.06 -33.96
N GLU B 45 -6.54 0.28 -35.25
CA GLU B 45 -6.07 1.47 -35.93
C GLU B 45 -7.25 2.35 -36.33
N ALA B 46 -7.05 3.65 -36.17
CA ALA B 46 -7.97 4.69 -36.60
C ALA B 46 -7.15 5.76 -37.28
N PRO B 47 -7.79 6.67 -38.03
CA PRO B 47 -7.05 7.79 -38.61
C PRO B 47 -6.32 8.62 -37.55
N GLY B 48 -4.99 8.53 -37.54
CA GLY B 48 -4.20 9.26 -36.56
C GLY B 48 -4.24 8.67 -35.16
N ARG B 49 -4.50 7.37 -35.03
CA ARG B 49 -4.55 6.72 -33.73
C ARG B 49 -4.24 5.24 -33.91
N VAL B 50 -3.41 4.71 -33.00
CA VAL B 50 -3.11 3.28 -32.93
C VAL B 50 -3.07 2.88 -31.47
N THR B 51 -3.74 1.79 -31.14
CA THR B 51 -3.67 1.22 -29.79
C THR B 51 -3.76 -0.30 -29.91
N ARG B 52 -3.48 -0.96 -28.79
CA ARG B 52 -3.48 -2.42 -28.72
C ARG B 52 -4.32 -2.84 -27.52
N TYR B 53 -5.32 -3.69 -27.76
CA TYR B 53 -6.21 -4.15 -26.72
C TYR B 53 -5.69 -5.46 -26.13
N LEU B 54 -5.51 -5.47 -24.81
CA LEU B 54 -5.00 -6.64 -24.09
C LEU B 54 -6.15 -7.33 -23.37
N SER B 55 -6.14 -8.66 -23.39
CA SER B 55 -7.21 -9.45 -22.79
C SER B 55 -6.75 -10.57 -21.87
N SER B 56 -5.47 -10.90 -21.85
CA SER B 56 -4.97 -12.00 -21.04
C SER B 56 -4.22 -11.46 -19.83
N GLN B 57 -4.29 -12.20 -18.72
CA GLN B 57 -3.50 -11.85 -17.55
C GLN B 57 -2.01 -11.93 -17.86
N ARG B 58 -1.62 -12.79 -18.79
CA ARG B 58 -0.21 -12.94 -19.15
C ARG B 58 0.37 -11.61 -19.64
N LEU B 59 -0.35 -10.90 -20.49
CA LEU B 59 0.13 -9.62 -21.01
C LEU B 59 -0.22 -8.44 -20.12
N ILE B 60 -1.39 -8.49 -19.47
CA ILE B 60 -1.83 -7.36 -18.65
C ILE B 60 -0.96 -7.22 -17.40
N LYS B 61 -0.41 -8.33 -16.90
CA LYS B 61 0.49 -8.24 -15.74
C LYS B 61 1.76 -7.48 -16.09
N GLU B 62 2.22 -7.56 -17.35
CA GLU B 62 3.34 -6.72 -17.78
C GLU B 62 2.89 -5.27 -17.94
N ALA B 63 1.70 -5.06 -18.51
CA ALA B 63 1.20 -3.70 -18.70
C ALA B 63 1.00 -2.98 -17.37
N CYS B 64 0.73 -3.73 -16.29
CA CYS B 64 0.55 -3.14 -14.98
C CYS B 64 1.86 -2.89 -14.25
N ASP B 65 3.00 -3.14 -14.90
CA ASP B 65 4.30 -2.81 -14.33
C ASP B 65 4.51 -1.31 -14.47
N GLU B 66 4.41 -0.59 -13.36
CA GLU B 66 4.44 0.87 -13.40
C GLU B 66 5.82 1.42 -13.78
N SER B 67 6.86 0.60 -13.73
CA SER B 67 8.16 1.04 -14.21
C SER B 67 8.25 1.03 -15.73
N ARG B 68 7.33 0.32 -16.40
CA ARG B 68 7.32 0.23 -17.85
C ARG B 68 6.16 0.97 -18.50
N PHE B 69 5.05 1.13 -17.80
CA PHE B 69 3.87 1.78 -18.36
C PHE B 69 3.25 2.72 -17.33
N ASP B 70 2.67 3.80 -17.84
CA ASP B 70 1.99 4.80 -17.02
C ASP B 70 0.58 4.97 -17.58
N LYS B 71 -0.32 5.49 -16.76
CA LYS B 71 -1.69 5.70 -17.23
C LYS B 71 -1.70 6.67 -18.40
N ASN B 72 -2.41 6.29 -19.45
CA ASN B 72 -2.64 7.15 -20.61
C ASN B 72 -4.07 7.66 -20.57
N LEU B 73 -4.26 8.88 -21.07
CA LEU B 73 -5.61 9.42 -21.28
C LEU B 73 -6.09 8.93 -22.64
N SER B 74 -7.03 7.99 -22.63
CA SER B 74 -7.63 7.53 -23.88
C SER B 74 -8.38 8.68 -24.54
N GLN B 75 -8.83 8.43 -25.78
CA GLN B 75 -9.57 9.47 -26.50
C GLN B 75 -10.86 9.83 -25.79
N ALA B 76 -11.51 8.84 -25.15
CA ALA B 76 -12.69 9.14 -24.35
C ALA B 76 -12.35 10.04 -23.17
N LEU B 77 -11.30 9.70 -22.42
CA LEU B 77 -10.92 10.50 -21.26
C LEU B 77 -10.48 11.90 -21.66
N LYS B 78 -9.84 12.04 -22.83
CA LYS B 78 -9.46 13.38 -23.30
C LYS B 78 -10.69 14.24 -23.51
N PHE B 79 -11.79 13.65 -24.00
CA PHE B 79 -13.01 14.42 -24.20
C PHE B 79 -13.70 14.71 -22.86
N VAL B 80 -13.63 13.78 -21.91
CA VAL B 80 -14.15 14.04 -20.58
C VAL B 80 -13.35 15.14 -19.90
N ARG B 81 -12.06 15.24 -20.19
CA ARG B 81 -11.23 16.29 -19.62
C ARG B 81 -11.72 17.69 -19.97
N ASP B 82 -12.49 17.83 -21.05
CA ASP B 82 -13.02 19.13 -21.42
C ASP B 82 -13.94 19.71 -20.35
N PHE B 83 -14.56 18.87 -19.51
CA PHE B 83 -15.32 19.35 -18.38
C PHE B 83 -14.88 18.79 -17.03
N ALA B 84 -14.09 17.71 -17.02
CA ALA B 84 -13.52 17.22 -15.77
C ALA B 84 -12.13 17.79 -15.49
N GLY B 85 -11.53 18.49 -16.45
CA GLY B 85 -10.30 19.22 -16.26
C GLY B 85 -9.16 18.31 -15.81
N ASP B 86 -8.30 18.86 -14.96
CA ASP B 86 -7.25 18.05 -14.34
C ASP B 86 -7.66 17.52 -12.98
N GLY B 87 -8.91 17.08 -12.85
CA GLY B 87 -9.28 16.24 -11.74
C GLY B 87 -8.47 14.97 -11.73
N LEU B 88 -8.62 14.19 -10.65
CA LEU B 88 -7.78 13.01 -10.46
C LEU B 88 -7.87 12.05 -11.64
N ALA B 89 -9.09 11.82 -12.15
CA ALA B 89 -9.29 10.79 -13.16
C ALA B 89 -8.87 11.21 -14.55
N THR B 90 -8.82 12.51 -14.85
CA THR B 90 -8.54 12.99 -16.20
C THR B 90 -7.24 13.75 -16.30
N SER B 91 -6.35 13.61 -15.32
CA SER B 91 -5.06 14.27 -15.33
CA SER B 91 -5.06 14.27 -15.33
C SER B 91 -3.96 13.24 -15.58
N TRP B 92 -2.84 13.73 -16.11
CA TRP B 92 -1.68 12.88 -16.33
C TRP B 92 -0.90 12.74 -15.02
N THR B 93 -0.22 11.61 -14.88
CA THR B 93 0.55 11.36 -13.66
C THR B 93 1.62 12.43 -13.45
N HIS B 94 2.17 12.97 -14.53
CA HIS B 94 3.22 13.96 -14.46
C HIS B 94 2.72 15.37 -14.20
N GLU B 95 1.41 15.59 -14.20
CA GLU B 95 0.88 16.91 -13.88
C GLU B 95 0.95 17.14 -12.37
N LYS B 96 1.41 18.33 -11.99
CA LYS B 96 1.57 18.68 -10.59
C LYS B 96 0.29 18.47 -9.80
N ASN B 97 -0.86 18.78 -10.42
CA ASN B 97 -2.13 18.70 -9.70
C ASN B 97 -2.58 17.27 -9.45
N TRP B 98 -2.03 16.28 -10.14
CA TRP B 98 -2.42 14.91 -9.84
C TRP B 98 -1.87 14.48 -8.49
N LYS B 99 -0.54 14.48 -8.33
CA LYS B 99 0.06 14.04 -7.07
C LYS B 99 -0.38 14.91 -5.91
N LYS B 100 -0.59 16.20 -6.17
CA LYS B 100 -1.08 17.11 -5.14
C LYS B 100 -2.45 16.67 -4.64
N ALA B 101 -3.41 16.54 -5.55
CA ALA B 101 -4.75 16.08 -5.16
C ALA B 101 -4.72 14.64 -4.66
N HIS B 102 -3.84 13.82 -5.23
CA HIS B 102 -3.71 12.42 -4.80
C HIS B 102 -3.33 12.34 -3.32
N ASN B 103 -2.30 13.09 -2.92
CA ASN B 103 -1.87 13.08 -1.52
C ASN B 103 -2.92 13.71 -0.61
N ILE B 104 -3.61 14.75 -1.09
CA ILE B 104 -4.56 15.46 -0.24
C ILE B 104 -5.84 14.64 -0.04
N LEU B 105 -6.29 13.93 -1.09
CA LEU B 105 -7.59 13.27 -1.04
C LEU B 105 -7.54 11.83 -0.52
N LEU B 106 -6.38 11.18 -0.54
CA LEU B 106 -6.32 9.81 -0.06
C LEU B 106 -6.74 9.65 1.38
N PRO B 107 -6.41 10.54 2.32
CA PRO B 107 -6.89 10.36 3.70
C PRO B 107 -8.40 10.44 3.87
N SER B 108 -9.15 11.04 2.94
CA SER B 108 -10.61 11.04 3.03
C SER B 108 -11.26 9.81 2.38
N PHE B 109 -10.47 8.92 1.77
CA PHE B 109 -11.00 7.77 1.03
C PHE B 109 -10.52 6.43 1.58
N SER B 110 -9.90 6.41 2.76
CA SER B 110 -9.45 5.13 3.26
C SER B 110 -10.64 4.31 3.72
N GLN B 111 -10.42 3.02 3.90
CA GLN B 111 -11.44 2.20 4.53
C GLN B 111 -11.74 2.71 5.94
N GLN B 112 -10.73 3.24 6.64
CA GLN B 112 -10.95 3.83 7.96
C GLN B 112 -11.84 5.06 7.89
N ALA B 113 -11.66 5.90 6.86
CA ALA B 113 -12.45 7.11 6.75
C ALA B 113 -13.92 6.83 6.45
N MET B 114 -14.24 5.60 6.05
CA MET B 114 -15.63 5.23 5.79
C MET B 114 -16.48 5.27 7.05
N LYS B 115 -15.87 5.11 8.23
CA LYS B 115 -16.62 5.19 9.47
C LYS B 115 -17.33 6.53 9.61
N GLY B 116 -16.67 7.63 9.18
CA GLY B 116 -17.30 8.93 9.24
C GLY B 116 -18.42 9.09 8.22
N TYR B 117 -18.29 8.45 7.06
CA TYR B 117 -19.32 8.52 6.03
C TYR B 117 -20.50 7.59 6.28
N HIS B 118 -20.35 6.63 7.19
CA HIS B 118 -21.33 5.54 7.30
C HIS B 118 -22.73 6.05 7.62
N ALA B 119 -22.84 7.05 8.51
CA ALA B 119 -24.16 7.53 8.91
C ALA B 119 -24.91 8.14 7.73
N MET B 120 -24.23 8.94 6.92
CA MET B 120 -24.88 9.53 5.76
C MET B 120 -25.20 8.49 4.69
N MET B 121 -24.38 7.44 4.58
CA MET B 121 -24.74 6.34 3.69
C MET B 121 -26.03 5.66 4.14
N VAL B 122 -26.21 5.48 5.46
CA VAL B 122 -27.43 4.88 5.97
C VAL B 122 -28.62 5.78 5.67
N ASP B 123 -28.43 7.10 5.74
CA ASP B 123 -29.49 8.04 5.44
C ASP B 123 -30.11 7.76 4.08
N ILE B 124 -29.28 7.66 3.04
CA ILE B 124 -29.79 7.43 1.70
C ILE B 124 -30.31 6.00 1.55
N ALA B 125 -29.62 5.02 2.14
CA ALA B 125 -30.06 3.64 2.04
C ALA B 125 -31.43 3.44 2.67
N VAL B 126 -31.69 4.13 3.77
CA VAL B 126 -33.02 4.04 4.41
C VAL B 126 -34.08 4.63 3.50
N GLN B 127 -33.75 5.72 2.79
CA GLN B 127 -34.69 6.30 1.83
C GLN B 127 -35.05 5.29 0.74
N LEU B 128 -34.06 4.55 0.24
CA LEU B 128 -34.33 3.54 -0.77
C LEU B 128 -35.25 2.45 -0.23
N VAL B 129 -34.94 1.93 0.97
CA VAL B 129 -35.76 0.90 1.56
C VAL B 129 -37.18 1.40 1.79
N GLN B 130 -37.32 2.63 2.28
CA GLN B 130 -38.65 3.18 2.54
C GLN B 130 -39.44 3.32 1.24
N LYS B 131 -38.78 3.72 0.15
CA LYS B 131 -39.47 3.81 -1.13
C LYS B 131 -40.04 2.46 -1.53
N TRP B 132 -39.24 1.40 -1.40
CA TRP B 132 -39.71 0.07 -1.80
C TRP B 132 -40.73 -0.48 -0.82
N GLU B 133 -40.60 -0.15 0.47
CA GLU B 133 -41.63 -0.55 1.43
C GLU B 133 -42.97 0.07 1.10
N ARG B 134 -42.97 1.25 0.49
CA ARG B 134 -44.20 2.01 0.25
C ARG B 134 -44.82 1.74 -1.11
N LEU B 135 -44.24 0.85 -1.91
CA LEU B 135 -44.85 0.49 -3.18
C LEU B 135 -46.12 -0.30 -2.94
N ASN B 136 -47.07 -0.16 -3.86
CA ASN B 136 -48.30 -0.92 -3.77
C ASN B 136 -48.13 -2.31 -4.39
N ALA B 137 -49.11 -3.16 -4.16
CA ALA B 137 -49.06 -4.51 -4.71
C ALA B 137 -48.98 -4.49 -6.22
N ASP B 138 -48.21 -5.43 -6.77
CA ASP B 138 -48.04 -5.62 -8.22
C ASP B 138 -47.22 -4.51 -8.87
N GLU B 139 -46.86 -3.48 -8.11
CA GLU B 139 -45.92 -2.50 -8.63
C GLU B 139 -44.51 -3.09 -8.65
N HIS B 140 -43.67 -2.53 -9.52
CA HIS B 140 -42.33 -3.05 -9.72
C HIS B 140 -41.29 -1.95 -9.52
N ILE B 141 -40.03 -2.35 -9.56
CA ILE B 141 -38.89 -1.48 -9.31
C ILE B 141 -38.08 -1.35 -10.58
N GLU B 142 -37.74 -0.12 -10.95
CA GLU B 142 -36.80 0.14 -12.04
C GLU B 142 -35.42 0.20 -11.40
N VAL B 143 -34.67 -0.90 -11.52
CA VAL B 143 -33.49 -1.13 -10.68
C VAL B 143 -32.37 -0.13 -10.95
N PRO B 144 -31.85 0.00 -12.18
CA PRO B 144 -30.75 0.96 -12.37
C PRO B 144 -31.16 2.40 -12.09
N GLU B 145 -32.42 2.75 -12.34
CA GLU B 145 -32.91 4.09 -12.02
C GLU B 145 -32.83 4.35 -10.52
N ASP B 146 -33.31 3.39 -9.72
CA ASP B 146 -33.28 3.58 -8.26
C ASP B 146 -31.87 3.45 -7.70
N MET B 147 -31.04 2.58 -8.27
CA MET B 147 -29.65 2.50 -7.81
C MET B 147 -28.91 3.79 -8.08
N THR B 148 -29.21 4.47 -9.19
CA THR B 148 -28.57 5.74 -9.49
C THR B 148 -29.04 6.84 -8.55
N ARG B 149 -30.33 6.84 -8.20
CA ARG B 149 -30.82 7.75 -7.18
C ARG B 149 -30.03 7.59 -5.88
N LEU B 150 -29.71 6.34 -5.53
CA LEU B 150 -29.02 6.08 -4.27
C LEU B 150 -27.57 6.52 -4.32
N THR B 151 -26.84 6.13 -5.38
CA THR B 151 -25.42 6.41 -5.42
C THR B 151 -25.14 7.89 -5.63
N LEU B 152 -25.99 8.58 -6.40
CA LEU B 152 -25.82 10.02 -6.58
C LEU B 152 -26.05 10.76 -5.27
N ASP B 153 -27.14 10.41 -4.57
CA ASP B 153 -27.42 11.07 -3.29
C ASP B 153 -26.36 10.75 -2.26
N THR B 154 -25.78 9.55 -2.31
CA THR B 154 -24.74 9.20 -1.34
C THR B 154 -23.47 9.99 -1.61
N ILE B 155 -23.05 10.08 -2.89
CA ILE B 155 -21.86 10.86 -3.20
C ILE B 155 -22.13 12.35 -3.02
N GLY B 156 -23.37 12.79 -3.16
CA GLY B 156 -23.70 14.17 -2.83
C GLY B 156 -23.58 14.48 -1.34
N LEU B 157 -24.07 13.59 -0.48
CA LEU B 157 -24.18 13.87 0.95
C LEU B 157 -22.86 13.64 1.70
N CYS B 158 -22.24 12.46 1.52
CA CYS B 158 -20.98 12.18 2.18
C CYS B 158 -19.84 13.04 1.63
N GLY B 159 -19.97 13.47 0.38
CA GLY B 159 -18.94 14.22 -0.30
C GLY B 159 -18.98 15.72 -0.08
N PHE B 160 -20.15 16.33 -0.22
CA PHE B 160 -20.22 17.80 -0.19
C PHE B 160 -21.39 18.31 0.64
N ASN B 161 -21.99 17.45 1.47
CA ASN B 161 -23.12 17.81 2.32
C ASN B 161 -24.23 18.48 1.51
N TYR B 162 -24.45 17.99 0.30
CA TYR B 162 -25.50 18.47 -0.58
C TYR B 162 -26.48 17.34 -0.85
N ARG B 163 -27.78 17.65 -0.76
CA ARG B 163 -28.83 16.65 -0.96
C ARG B 163 -29.44 16.84 -2.34
N PHE B 164 -29.12 15.92 -3.26
CA PHE B 164 -29.78 15.91 -4.56
C PHE B 164 -31.25 15.54 -4.45
N ASN B 165 -31.66 14.88 -3.36
CA ASN B 165 -33.05 14.51 -3.11
C ASN B 165 -33.64 13.74 -4.30
N SER B 166 -32.88 12.76 -4.78
CA SER B 166 -33.27 12.05 -5.98
C SER B 166 -34.52 11.19 -5.78
N PHE B 167 -34.78 10.75 -4.54
CA PHE B 167 -35.97 9.97 -4.29
C PHE B 167 -37.23 10.82 -4.18
N TYR B 168 -37.11 12.13 -4.32
CA TYR B 168 -38.27 13.02 -4.40
C TYR B 168 -38.57 13.44 -5.82
N ARG B 169 -37.94 12.81 -6.81
CA ARG B 169 -38.03 13.29 -8.17
C ARG B 169 -38.31 12.18 -9.16
N ASP B 170 -38.66 12.63 -10.35
CA ASP B 170 -38.60 11.87 -11.59
C ASP B 170 -37.62 12.57 -12.53
N GLN B 171 -37.87 13.84 -12.80
CA GLN B 171 -36.93 14.63 -13.59
C GLN B 171 -35.68 14.95 -12.76
N PRO B 172 -34.50 14.45 -13.15
CA PRO B 172 -33.28 14.67 -12.37
C PRO B 172 -32.75 16.09 -12.43
N HIS B 173 -31.72 16.30 -11.59
CA HIS B 173 -31.11 17.60 -11.35
C HIS B 173 -30.58 18.22 -12.64
N PRO B 174 -30.68 19.54 -12.81
CA PRO B 174 -30.06 20.20 -13.97
C PRO B 174 -28.57 19.93 -14.10
N PHE B 175 -27.85 19.73 -13.01
CA PHE B 175 -26.46 19.31 -13.13
C PHE B 175 -26.37 17.99 -13.88
N ILE B 176 -27.20 17.00 -13.52
CA ILE B 176 -27.12 15.70 -14.19
C ILE B 176 -27.55 15.83 -15.65
N THR B 177 -28.56 16.66 -15.94
CA THR B 177 -28.93 16.86 -17.33
C THR B 177 -27.74 17.37 -18.12
N SER B 178 -26.97 18.27 -17.52
CA SER B 178 -25.73 18.72 -18.14
C SER B 178 -24.70 17.60 -18.24
N MET B 179 -24.59 16.79 -17.18
CA MET B 179 -23.54 15.77 -17.12
C MET B 179 -23.74 14.65 -18.14
N VAL B 180 -24.93 14.06 -18.20
CA VAL B 180 -25.14 12.93 -19.10
C VAL B 180 -25.09 13.37 -20.56
N ARG B 181 -25.64 14.54 -20.88
CA ARG B 181 -25.50 15.04 -22.24
C ARG B 181 -24.03 15.28 -22.59
N ALA B 182 -23.25 15.76 -21.62
CA ALA B 182 -21.82 16.00 -21.86
C ALA B 182 -21.08 14.69 -22.12
N LEU B 183 -21.35 13.66 -21.30
CA LEU B 183 -20.70 12.38 -21.52
C LEU B 183 -21.09 11.77 -22.87
N ASP B 184 -22.35 11.95 -23.28
CA ASP B 184 -22.79 11.43 -24.57
C ASP B 184 -22.06 12.11 -25.72
N GLU B 185 -21.94 13.45 -25.67
CA GLU B 185 -21.21 14.18 -26.70
C GLU B 185 -19.75 13.74 -26.77
N ALA B 186 -19.12 13.55 -25.61
CA ALA B 186 -17.72 13.11 -25.59
C ALA B 186 -17.58 11.75 -26.25
N MET B 187 -18.52 10.84 -25.98
CA MET B 187 -18.52 9.53 -26.62
C MET B 187 -18.71 9.68 -28.13
N ASN B 188 -19.66 10.53 -28.54
CA ASN B 188 -19.99 10.67 -29.96
C ASN B 188 -18.82 11.26 -30.76
N LYS B 189 -18.03 12.15 -30.16
CA LYS B 189 -16.92 12.77 -30.86
C LYS B 189 -15.84 11.78 -31.30
N LEU B 190 -15.87 10.55 -30.81
CA LEU B 190 -14.90 9.55 -31.25
C LEU B 190 -15.09 9.21 -32.72
N GLN B 191 -16.33 9.24 -33.22
CA GLN B 191 -16.58 8.90 -34.62
C GLN B 191 -16.33 10.08 -35.56
N ARG B 192 -16.55 11.30 -35.09
CA ARG B 192 -16.41 12.49 -35.95
C ARG B 192 -15.03 12.59 -36.59
N PRO B 195 -15.40 16.08 -38.76
CA PRO B 195 -14.48 17.17 -38.43
C PRO B 195 -15.17 18.31 -37.70
N ASP B 196 -14.42 19.36 -37.38
CA ASP B 196 -15.01 20.53 -36.73
C ASP B 196 -15.69 21.43 -37.76
N ASP B 197 -16.57 20.87 -38.57
CA ASP B 197 -17.26 21.62 -39.61
C ASP B 197 -18.47 22.34 -39.00
N PRO B 198 -19.28 23.01 -39.82
CA PRO B 198 -20.38 23.81 -39.27
C PRO B 198 -21.53 23.00 -38.72
N ALA B 199 -21.71 21.75 -39.17
CA ALA B 199 -22.84 20.94 -38.71
C ALA B 199 -22.79 20.70 -37.20
N TYR B 200 -21.59 20.71 -36.62
CA TYR B 200 -21.40 20.43 -35.21
C TYR B 200 -21.36 21.70 -34.35
N ASP B 201 -21.65 22.87 -34.94
CA ASP B 201 -21.64 24.10 -34.17
C ASP B 201 -22.69 24.06 -33.06
N GLU B 202 -23.86 23.49 -33.34
CA GLU B 202 -24.89 23.38 -32.30
C GLU B 202 -24.50 22.37 -31.23
N ASN B 203 -23.83 21.28 -31.62
CA ASN B 203 -23.33 20.33 -30.63
C ASN B 203 -22.35 21.00 -29.67
N LYS B 204 -21.48 21.86 -30.21
CA LYS B 204 -20.57 22.61 -29.36
C LYS B 204 -21.32 23.61 -28.48
N ARG B 205 -22.31 24.30 -29.05
CA ARG B 205 -23.09 25.26 -28.27
C ARG B 205 -23.85 24.56 -27.15
N GLN B 206 -24.37 23.35 -27.42
CA GLN B 206 -25.02 22.58 -26.36
C GLN B 206 -24.02 22.10 -25.34
N PHE B 207 -22.86 21.60 -25.80
CA PHE B 207 -21.84 21.09 -24.90
C PHE B 207 -21.38 22.16 -23.92
N GLN B 208 -21.17 23.40 -24.39
CA GLN B 208 -20.72 24.47 -23.52
C GLN B 208 -21.80 24.88 -22.52
N GLU B 209 -23.07 24.77 -22.90
CA GLU B 209 -24.15 25.08 -21.97
C GLU B 209 -24.17 24.08 -20.82
N ASP B 210 -23.90 22.80 -21.12
CA ASP B 210 -23.86 21.79 -20.08
C ASP B 210 -22.67 21.95 -19.16
N ILE B 211 -21.53 22.42 -19.69
CA ILE B 211 -20.37 22.65 -18.83
C ILE B 211 -20.65 23.78 -17.84
N LYS B 212 -21.28 24.85 -18.32
CA LYS B 212 -21.56 25.99 -17.45
C LYS B 212 -22.48 25.61 -16.29
N VAL B 213 -23.49 24.78 -16.56
CA VAL B 213 -24.42 24.38 -15.50
C VAL B 213 -23.67 23.64 -14.40
N MET B 214 -22.80 22.69 -14.78
CA MET B 214 -22.01 21.97 -13.79
C MET B 214 -21.09 22.93 -13.05
N ASN B 215 -20.41 23.80 -13.80
CA ASN B 215 -19.50 24.77 -13.17
C ASN B 215 -20.25 25.73 -12.27
N ASP B 216 -21.44 26.17 -12.69
CA ASP B 216 -22.18 27.16 -11.91
C ASP B 216 -22.64 26.58 -10.58
N LEU B 217 -23.16 25.34 -10.59
CA LEU B 217 -23.57 24.71 -9.34
C LEU B 217 -22.40 24.48 -8.41
N VAL B 218 -21.30 23.93 -8.94
CA VAL B 218 -20.18 23.51 -8.11
C VAL B 218 -19.51 24.71 -7.45
N ASP B 219 -19.06 25.67 -8.25
CA ASP B 219 -18.35 26.83 -7.70
C ASP B 219 -19.22 27.62 -6.73
N LYS B 220 -20.54 27.57 -6.89
CA LYS B 220 -21.43 28.26 -5.95
C LYS B 220 -21.36 27.62 -4.58
N ILE B 221 -21.42 26.28 -4.52
CA ILE B 221 -21.35 25.59 -3.24
C ILE B 221 -19.98 25.78 -2.60
N ILE B 222 -18.92 25.77 -3.41
CA ILE B 222 -17.58 26.04 -2.89
C ILE B 222 -17.54 27.40 -2.22
N ALA B 223 -18.09 28.42 -2.89
CA ALA B 223 -18.14 29.75 -2.30
C ALA B 223 -19.07 29.79 -1.09
N ASP B 224 -20.16 29.02 -1.14
CA ASP B 224 -21.09 28.98 -0.01
C ASP B 224 -20.43 28.39 1.23
N ARG B 225 -19.80 27.23 1.09
CA ARG B 225 -19.10 26.59 2.21
C ARG B 225 -17.91 27.43 2.66
N SER B 228 -19.78 30.23 4.36
CA SER B 228 -20.26 29.72 5.64
C SER B 228 -19.12 29.52 6.63
N GLY B 229 -18.14 28.73 6.22
CA GLY B 229 -17.06 28.36 7.10
C GLY B 229 -17.39 27.23 8.04
N GLU B 230 -18.57 26.63 7.89
CA GLU B 230 -18.97 25.52 8.74
C GLU B 230 -18.13 24.29 8.45
N GLN B 231 -17.81 23.54 9.50
CA GLN B 231 -16.98 22.34 9.38
C GLN B 231 -17.87 21.12 9.24
N SER B 232 -17.54 20.26 8.28
CA SER B 232 -18.30 19.05 8.00
C SER B 232 -17.36 17.87 7.89
N ASP B 233 -17.94 16.67 7.89
CA ASP B 233 -17.18 15.44 7.72
C ASP B 233 -17.35 14.91 6.30
N ASP B 234 -16.77 15.65 5.34
CA ASP B 234 -17.01 15.35 3.94
C ASP B 234 -15.75 15.63 3.12
N LEU B 235 -15.83 15.27 1.84
CA LEU B 235 -14.69 15.47 0.94
C LEU B 235 -14.37 16.94 0.74
N LEU B 236 -15.40 17.79 0.70
CA LEU B 236 -15.17 19.20 0.41
C LEU B 236 -14.30 19.86 1.47
N THR B 237 -14.47 19.46 2.73
CA THR B 237 -13.65 19.99 3.81
C THR B 237 -12.16 19.72 3.56
N HIS B 238 -11.82 18.47 3.23
CA HIS B 238 -10.43 18.12 2.96
C HIS B 238 -9.88 18.90 1.77
N MET B 239 -10.72 19.13 0.76
CA MET B 239 -10.27 19.85 -0.43
C MET B 239 -10.02 21.32 -0.11
N LEU B 240 -10.88 21.91 0.73
CA LEU B 240 -10.71 23.31 1.08
C LEU B 240 -9.58 23.54 2.07
N ASN B 241 -9.34 22.59 2.98
CA ASN B 241 -8.37 22.78 4.05
C ASN B 241 -7.12 21.90 3.96
N GLY B 242 -7.13 20.86 3.13
CA GLY B 242 -6.02 19.93 3.10
C GLY B 242 -4.82 20.48 2.35
N LYS B 243 -3.63 20.13 2.84
CA LYS B 243 -2.38 20.54 2.23
C LYS B 243 -1.55 19.32 1.88
N ASP B 244 -1.02 19.31 0.66
CA ASP B 244 -0.15 18.24 0.20
C ASP B 244 1.13 18.20 1.03
N PRO B 245 1.44 17.07 1.69
CA PRO B 245 2.68 17.01 2.49
C PRO B 245 3.95 17.24 1.68
N GLU B 246 3.94 16.92 0.39
CA GLU B 246 5.14 17.09 -0.43
C GLU B 246 5.36 18.57 -0.75
N THR B 247 4.44 19.18 -1.50
CA THR B 247 4.60 20.57 -1.90
C THR B 247 4.22 21.55 -0.80
N GLY B 248 3.50 21.11 0.23
CA GLY B 248 2.99 22.02 1.23
C GLY B 248 1.83 22.88 0.79
N GLU B 249 1.31 22.68 -0.45
CA GLU B 249 0.27 23.49 -1.06
C GLU B 249 -1.10 22.84 -0.93
N PRO B 250 -2.15 23.65 -0.78
CA PRO B 250 -3.51 23.15 -0.93
C PRO B 250 -3.96 23.29 -2.38
N LEU B 251 -5.05 22.60 -2.70
CA LEU B 251 -5.64 22.72 -4.02
C LEU B 251 -6.24 24.11 -4.20
N ASP B 252 -6.04 24.70 -5.38
CA ASP B 252 -6.70 25.96 -5.67
C ASP B 252 -8.16 25.70 -6.03
N ASP B 253 -8.94 26.79 -6.04
CA ASP B 253 -10.39 26.66 -6.20
C ASP B 253 -10.76 26.07 -7.55
N GLU B 254 -9.98 26.35 -8.60
CA GLU B 254 -10.31 25.83 -9.92
C GLU B 254 -10.19 24.31 -9.95
N ASN B 255 -9.11 23.77 -9.40
CA ASN B 255 -8.96 22.31 -9.35
C ASN B 255 -9.97 21.67 -8.41
N ILE B 256 -10.36 22.37 -7.35
CA ILE B 256 -11.38 21.83 -6.44
C ILE B 256 -12.69 21.60 -7.18
N ARG B 257 -13.06 22.52 -8.07
CA ARG B 257 -14.28 22.33 -8.87
C ARG B 257 -14.16 21.11 -9.77
N TYR B 258 -12.99 20.90 -10.35
CA TYR B 258 -12.78 19.71 -11.18
C TYR B 258 -12.87 18.43 -10.36
N GLN B 259 -12.38 18.46 -9.12
CA GLN B 259 -12.49 17.28 -8.27
C GLN B 259 -13.94 16.99 -7.90
N ILE B 260 -14.73 18.04 -7.62
CA ILE B 260 -16.14 17.84 -7.31
C ILE B 260 -16.87 17.22 -8.50
N ILE B 261 -16.70 17.82 -9.68
CA ILE B 261 -17.29 17.25 -10.89
C ILE B 261 -16.83 15.81 -11.08
N THR B 262 -15.53 15.56 -10.88
CA THR B 262 -15.00 14.21 -11.01
C THR B 262 -15.67 13.26 -10.03
N PHE B 263 -15.78 13.68 -8.76
CA PHE B 263 -16.39 12.82 -7.75
C PHE B 263 -17.87 12.63 -7.98
N LEU B 264 -18.55 13.64 -8.51
CA LEU B 264 -19.96 13.47 -8.85
C LEU B 264 -20.14 12.48 -9.98
N ILE B 265 -19.29 12.53 -11.00
CA ILE B 265 -19.31 11.57 -12.11
C ILE B 265 -18.87 10.21 -11.60
N ALA B 266 -17.60 10.09 -11.21
CA ALA B 266 -17.03 8.80 -10.84
C ALA B 266 -17.62 8.23 -9.55
N GLY B 267 -18.18 9.07 -8.69
CA GLY B 267 -18.70 8.60 -7.42
C GLY B 267 -20.06 7.97 -7.44
N HIS B 268 -20.76 7.94 -8.57
CA HIS B 268 -22.12 7.41 -8.54
C HIS B 268 -22.39 6.42 -9.66
N GLU B 269 -21.82 6.62 -10.85
CA GLU B 269 -22.34 5.86 -11.99
C GLU B 269 -21.82 4.42 -12.01
N THR B 270 -20.53 4.22 -11.77
CA THR B 270 -20.01 2.87 -11.74
C THR B 270 -20.61 2.07 -10.58
N THR B 271 -20.83 2.73 -9.44
CA THR B 271 -21.40 2.04 -8.27
C THR B 271 -22.85 1.63 -8.51
N SER B 272 -23.64 2.49 -9.16
CA SER B 272 -25.02 2.12 -9.46
C SER B 272 -25.08 0.95 -10.43
N GLY B 273 -24.19 0.95 -11.42
CA GLY B 273 -24.09 -0.21 -12.31
C GLY B 273 -23.73 -1.47 -11.56
N LEU B 274 -22.82 -1.37 -10.59
CA LEU B 274 -22.45 -2.53 -9.80
C LEU B 274 -23.64 -3.11 -9.04
N LEU B 275 -24.38 -2.25 -8.34
CA LEU B 275 -25.56 -2.71 -7.61
C LEU B 275 -26.59 -3.31 -8.56
N SER B 276 -26.75 -2.71 -9.75
CA SER B 276 -27.71 -3.22 -10.72
C SER B 276 -27.29 -4.59 -11.24
N PHE B 277 -26.01 -4.75 -11.60
CA PHE B 277 -25.54 -6.06 -12.05
C PHE B 277 -25.58 -7.08 -10.93
N ALA B 278 -25.26 -6.68 -9.71
CA ALA B 278 -25.29 -7.60 -8.58
C ALA B 278 -26.69 -8.12 -8.34
N LEU B 279 -27.68 -7.23 -8.30
CA LEU B 279 -29.06 -7.66 -8.13
C LEU B 279 -29.52 -8.51 -9.31
N TYR B 280 -29.08 -8.16 -10.52
CA TYR B 280 -29.37 -8.98 -11.69
C TYR B 280 -28.91 -10.41 -11.49
N PHE B 281 -27.63 -10.60 -11.14
CA PHE B 281 -27.11 -11.95 -10.98
C PHE B 281 -27.76 -12.68 -9.82
N LEU B 282 -28.17 -11.96 -8.78
CA LEU B 282 -28.81 -12.60 -7.63
C LEU B 282 -30.16 -13.20 -8.02
N VAL B 283 -30.99 -12.44 -8.75
CA VAL B 283 -32.30 -12.97 -9.14
C VAL B 283 -32.17 -14.03 -10.23
N LYS B 284 -31.06 -14.08 -10.95
CA LYS B 284 -30.83 -15.12 -11.93
C LYS B 284 -30.20 -16.38 -11.34
N ASN B 285 -29.73 -16.32 -10.10
CA ASN B 285 -29.11 -17.45 -9.42
C ASN B 285 -29.73 -17.56 -8.03
N PRO B 286 -30.91 -18.17 -7.92
CA PRO B 286 -31.63 -18.14 -6.64
C PRO B 286 -30.89 -18.76 -5.47
N HIS B 287 -30.04 -19.77 -5.71
CA HIS B 287 -29.28 -20.35 -4.61
C HIS B 287 -28.28 -19.34 -4.06
N VAL B 288 -27.68 -18.52 -4.92
CA VAL B 288 -26.77 -17.49 -4.45
C VAL B 288 -27.53 -16.42 -3.66
N LEU B 289 -28.70 -16.02 -4.16
CA LEU B 289 -29.51 -15.04 -3.45
C LEU B 289 -29.89 -15.52 -2.06
N GLN B 290 -30.30 -16.79 -1.95
CA GLN B 290 -30.68 -17.33 -0.64
C GLN B 290 -29.50 -17.33 0.32
N LYS B 291 -28.31 -17.69 -0.18
CA LYS B 291 -27.12 -17.67 0.67
C LYS B 291 -26.77 -16.25 1.10
N ALA B 292 -26.93 -15.28 0.20
CA ALA B 292 -26.65 -13.89 0.54
C ALA B 292 -27.72 -13.34 1.48
N ALA B 293 -28.99 -13.68 1.24
CA ALA B 293 -30.06 -13.22 2.13
C ALA B 293 -29.91 -13.80 3.53
N GLU B 294 -29.43 -15.04 3.63
CA GLU B 294 -29.22 -15.64 4.95
C GLU B 294 -28.15 -14.89 5.74
N GLU B 295 -27.03 -14.54 5.08
CA GLU B 295 -25.99 -13.79 5.76
C GLU B 295 -26.51 -12.43 6.23
N ALA B 296 -27.27 -11.74 5.39
CA ALA B 296 -27.83 -10.44 5.77
C ALA B 296 -28.70 -10.56 7.01
N ALA B 297 -29.56 -11.58 7.05
CA ALA B 297 -30.42 -11.77 8.21
C ALA B 297 -29.62 -12.14 9.45
N ARG B 298 -28.53 -12.90 9.29
CA ARG B 298 -27.74 -13.31 10.44
C ARG B 298 -26.90 -12.15 10.99
N VAL B 299 -26.39 -11.29 10.10
CA VAL B 299 -25.45 -10.26 10.50
C VAL B 299 -26.16 -8.96 10.88
N LEU B 300 -27.16 -8.54 10.09
CA LEU B 300 -27.82 -7.25 10.29
C LEU B 300 -28.94 -7.39 11.32
N VAL B 301 -28.53 -7.53 12.58
CA VAL B 301 -29.47 -7.79 13.67
C VAL B 301 -30.09 -6.53 14.24
N ASP B 302 -29.66 -5.35 13.83
CA ASP B 302 -30.16 -4.08 14.32
C ASP B 302 -31.00 -3.39 13.27
N PRO B 303 -31.90 -2.48 13.67
CA PRO B 303 -32.72 -1.77 12.67
C PRO B 303 -31.90 -0.96 11.68
N VAL B 304 -30.73 -0.49 12.10
CA VAL B 304 -29.81 0.24 11.25
C VAL B 304 -28.48 -0.51 11.26
N PRO B 305 -27.89 -0.80 10.10
CA PRO B 305 -26.60 -1.52 10.10
C PRO B 305 -25.48 -0.62 10.60
N SER B 306 -24.61 -1.20 11.42
CA SER B 306 -23.42 -0.51 11.87
C SER B 306 -22.28 -0.68 10.87
N TYR B 307 -21.25 0.14 11.04
CA TYR B 307 -20.07 0.02 10.18
C TYR B 307 -19.44 -1.36 10.30
N LYS B 308 -19.34 -1.87 11.53
CA LYS B 308 -18.72 -3.18 11.74
C LYS B 308 -19.58 -4.29 11.14
N GLN B 309 -20.90 -4.14 11.17
CA GLN B 309 -21.77 -5.16 10.59
C GLN B 309 -21.61 -5.24 9.08
N VAL B 310 -21.42 -4.10 8.42
CA VAL B 310 -21.22 -4.12 6.97
C VAL B 310 -19.92 -4.83 6.63
N LYS B 311 -18.87 -4.62 7.44
CA LYS B 311 -17.62 -5.34 7.23
C LYS B 311 -17.76 -6.84 7.44
N GLN B 312 -18.82 -7.27 8.14
CA GLN B 312 -19.06 -8.68 8.37
C GLN B 312 -19.79 -9.37 7.22
N LEU B 313 -20.33 -8.60 6.27
CA LEU B 313 -21.10 -9.17 5.16
C LEU B 313 -20.13 -9.74 4.13
N LYS B 314 -19.48 -10.84 4.52
CA LYS B 314 -18.43 -11.43 3.69
C LYS B 314 -18.99 -11.94 2.36
N TYR B 315 -20.11 -12.68 2.42
CA TYR B 315 -20.66 -13.26 1.20
C TYR B 315 -21.23 -12.17 0.30
N VAL B 316 -21.86 -11.15 0.88
CA VAL B 316 -22.33 -10.02 0.09
C VAL B 316 -21.17 -9.37 -0.65
N GLY B 317 -20.03 -9.21 0.04
CA GLY B 317 -18.84 -8.69 -0.62
C GLY B 317 -18.34 -9.60 -1.72
N MET B 318 -18.49 -10.92 -1.54
CA MET B 318 -18.12 -11.86 -2.59
C MET B 318 -19.06 -11.73 -3.80
N VAL B 319 -20.35 -11.54 -3.55
CA VAL B 319 -21.30 -11.32 -4.63
C VAL B 319 -20.91 -10.10 -5.46
N LEU B 320 -20.53 -9.01 -4.79
CA LEU B 320 -20.18 -7.80 -5.50
C LEU B 320 -18.90 -7.97 -6.32
N ASN B 321 -17.92 -8.68 -5.78
CA ASN B 321 -16.69 -8.90 -6.53
C ASN B 321 -16.93 -9.76 -7.77
N GLU B 322 -17.79 -10.78 -7.65
CA GLU B 322 -18.11 -11.60 -8.80
C GLU B 322 -18.93 -10.83 -9.82
N ALA B 323 -19.76 -9.89 -9.37
CA ALA B 323 -20.44 -9.00 -10.30
C ALA B 323 -19.44 -8.10 -11.01
N LEU B 324 -18.43 -7.61 -10.27
CA LEU B 324 -17.38 -6.82 -10.90
C LEU B 324 -16.51 -7.65 -11.82
N ARG B 325 -16.39 -8.95 -11.56
CA ARG B 325 -15.64 -9.81 -12.48
C ARG B 325 -16.32 -9.88 -13.83
N LEU B 326 -17.62 -10.23 -13.83
CA LEU B 326 -18.30 -10.44 -15.10
C LEU B 326 -18.54 -9.12 -15.84
N TRP B 327 -18.98 -8.08 -15.14
CA TRP B 327 -19.29 -6.80 -15.77
C TRP B 327 -18.69 -5.65 -14.98
N PRO B 328 -17.38 -5.45 -15.09
CA PRO B 328 -16.75 -4.26 -14.50
C PRO B 328 -17.28 -2.99 -15.16
N THR B 329 -17.87 -2.12 -14.36
CA THR B 329 -18.63 -1.00 -14.89
C THR B 329 -17.76 0.14 -15.42
N ALA B 330 -16.47 0.15 -15.11
CA ALA B 330 -15.51 0.97 -15.82
C ALA B 330 -14.64 0.03 -16.64
N PRO B 331 -15.10 -0.39 -17.82
CA PRO B 331 -14.58 -1.64 -18.42
C PRO B 331 -13.20 -1.53 -19.06
N ALA B 332 -12.55 -0.37 -19.06
CA ALA B 332 -11.24 -0.29 -19.68
C ALA B 332 -10.45 0.88 -19.13
N PHE B 333 -9.13 0.74 -19.15
CA PHE B 333 -8.23 1.85 -18.89
C PHE B 333 -7.06 1.77 -19.86
N SER B 334 -6.39 2.90 -20.05
CA SER B 334 -5.38 3.07 -21.08
C SER B 334 -4.01 3.28 -20.47
N LEU B 335 -2.99 2.79 -21.16
CA LEU B 335 -1.61 2.91 -20.71
C LEU B 335 -0.72 3.29 -21.89
N TYR B 336 0.43 3.86 -21.59
CA TYR B 336 1.43 4.16 -22.60
C TYR B 336 2.80 3.68 -22.13
N ALA B 337 3.62 3.26 -23.09
CA ALA B 337 4.95 2.76 -22.78
C ALA B 337 5.87 3.92 -22.39
N LYS B 338 6.48 3.83 -21.21
CA LYS B 338 7.38 4.87 -20.75
C LYS B 338 8.69 4.87 -21.55
N GLU B 339 9.15 3.69 -21.95
CA GLU B 339 10.33 3.53 -22.78
C GLU B 339 10.09 2.40 -23.77
N ASP B 340 11.03 2.22 -24.70
CA ASP B 340 11.01 1.05 -25.56
C ASP B 340 11.00 -0.21 -24.71
N THR B 341 10.14 -1.15 -25.06
CA THR B 341 10.02 -2.38 -24.28
C THR B 341 9.37 -3.45 -25.15
N VAL B 342 9.53 -4.70 -24.71
CA VAL B 342 8.99 -5.86 -25.43
C VAL B 342 7.91 -6.48 -24.56
N LEU B 343 6.70 -6.57 -25.11
CA LEU B 343 5.56 -7.11 -24.39
C LEU B 343 5.46 -8.61 -24.64
N GLY B 344 5.44 -9.39 -23.57
CA GLY B 344 5.27 -10.82 -23.68
C GLY B 344 6.37 -11.54 -24.45
N GLY B 345 7.50 -10.88 -24.67
CA GLY B 345 8.61 -11.48 -25.39
C GLY B 345 8.42 -11.62 -26.87
N GLU B 346 7.37 -11.02 -27.43
CA GLU B 346 7.09 -11.17 -28.86
C GLU B 346 6.56 -9.92 -29.54
N TYR B 347 6.10 -8.91 -28.80
CA TYR B 347 5.54 -7.69 -29.39
C TYR B 347 6.36 -6.48 -28.95
N PRO B 348 7.33 -6.04 -29.76
CA PRO B 348 8.12 -4.86 -29.39
C PRO B 348 7.27 -3.59 -29.47
N LEU B 349 7.48 -2.72 -28.48
CA LEU B 349 6.78 -1.44 -28.40
C LEU B 349 7.79 -0.32 -28.29
N GLU B 350 7.50 0.81 -28.92
CA GLU B 350 8.32 2.00 -28.80
C GLU B 350 7.74 2.94 -27.75
N LYS B 351 8.59 3.83 -27.25
CA LYS B 351 8.17 4.82 -26.26
C LYS B 351 6.93 5.56 -26.73
N GLY B 352 5.94 5.65 -25.85
CA GLY B 352 4.69 6.31 -26.16
C GLY B 352 3.62 5.43 -26.77
N ASP B 353 3.94 4.19 -27.11
CA ASP B 353 2.94 3.29 -27.65
C ASP B 353 1.85 3.02 -26.61
N GLU B 354 0.62 2.95 -27.08
CA GLU B 354 -0.56 2.90 -26.22
C GLU B 354 -1.10 1.47 -26.08
N LEU B 355 -1.63 1.18 -24.89
CA LEU B 355 -2.28 -0.08 -24.60
C LEU B 355 -3.65 0.19 -24.00
N MET B 356 -4.63 -0.66 -24.34
CA MET B 356 -5.94 -0.65 -23.69
C MET B 356 -6.13 -1.98 -22.99
N VAL B 357 -6.53 -1.92 -21.71
CA VAL B 357 -6.83 -3.12 -20.94
C VAL B 357 -8.34 -3.35 -21.02
N LEU B 358 -8.73 -4.45 -21.64
CA LEU B 358 -10.15 -4.81 -21.77
C LEU B 358 -10.50 -5.65 -20.56
N ILE B 359 -10.96 -4.97 -19.50
CA ILE B 359 -11.15 -5.64 -18.21
C ILE B 359 -12.13 -6.81 -18.30
N PRO B 360 -13.30 -6.70 -18.94
CA PRO B 360 -14.20 -7.86 -18.99
C PRO B 360 -13.57 -9.09 -19.63
N GLN B 361 -12.66 -8.91 -20.59
CA GLN B 361 -11.98 -10.06 -21.19
C GLN B 361 -10.90 -10.61 -20.26
N LEU B 362 -10.16 -9.72 -19.59
CA LEU B 362 -9.21 -10.17 -18.57
C LEU B 362 -9.90 -11.04 -17.53
N HIS B 363 -11.10 -10.65 -17.12
CA HIS B 363 -11.86 -11.39 -16.12
C HIS B 363 -12.48 -12.67 -16.67
N ARG B 364 -12.32 -12.94 -17.96
CA ARG B 364 -12.75 -14.19 -18.57
C ARG B 364 -11.58 -15.04 -19.02
N ASP B 365 -10.37 -14.74 -18.53
CA ASP B 365 -9.17 -15.50 -18.86
C ASP B 365 -9.29 -16.90 -18.27
N LYS B 366 -9.45 -17.90 -19.13
CA LYS B 366 -9.70 -19.26 -18.66
C LYS B 366 -8.47 -19.86 -17.99
N THR B 367 -7.27 -19.41 -18.34
CA THR B 367 -6.07 -19.91 -17.68
C THR B 367 -5.99 -19.46 -16.22
N ILE B 368 -6.73 -18.41 -15.86
CA ILE B 368 -6.79 -17.92 -14.48
C ILE B 368 -8.01 -18.46 -13.75
N TRP B 369 -9.19 -18.36 -14.38
CA TRP B 369 -10.45 -18.60 -13.69
C TRP B 369 -11.04 -19.98 -13.93
N GLY B 370 -10.52 -20.75 -14.87
CA GLY B 370 -11.13 -22.01 -15.23
C GLY B 370 -12.02 -21.87 -16.45
N ASP B 371 -12.73 -22.95 -16.77
CA ASP B 371 -13.55 -22.98 -17.97
C ASP B 371 -14.92 -22.35 -17.79
N ASP B 372 -15.44 -22.31 -16.57
CA ASP B 372 -16.79 -21.79 -16.32
C ASP B 372 -16.83 -20.29 -16.09
N VAL B 373 -16.10 -19.52 -16.91
CA VAL B 373 -15.92 -18.09 -16.64
C VAL B 373 -17.22 -17.31 -16.74
N GLU B 374 -18.22 -17.80 -17.48
CA GLU B 374 -19.47 -17.08 -17.64
C GLU B 374 -20.46 -17.33 -16.51
N GLU B 375 -20.21 -18.31 -15.65
CA GLU B 375 -21.10 -18.61 -14.55
C GLU B 375 -20.86 -17.65 -13.39
N PHE B 376 -21.94 -17.31 -12.69
CA PHE B 376 -21.87 -16.41 -11.53
C PHE B 376 -21.66 -17.27 -10.29
N ARG B 377 -20.43 -17.27 -9.77
CA ARG B 377 -20.07 -18.05 -8.59
C ARG B 377 -19.27 -17.16 -7.66
N PRO B 378 -19.93 -16.53 -6.68
CA PRO B 378 -19.19 -15.68 -5.72
C PRO B 378 -18.14 -16.44 -4.94
N GLU B 379 -18.27 -17.77 -4.84
CA GLU B 379 -17.30 -18.58 -4.10
C GLU B 379 -15.90 -18.51 -4.68
N ARG B 380 -15.74 -17.97 -5.91
CA ARG B 380 -14.40 -17.71 -6.43
C ARG B 380 -13.61 -16.78 -5.50
N PHE B 381 -14.31 -15.93 -4.76
CA PHE B 381 -13.68 -14.91 -3.91
C PHE B 381 -13.72 -15.26 -2.43
N GLU B 382 -13.87 -16.54 -2.09
CA GLU B 382 -13.82 -16.93 -0.69
C GLU B 382 -12.50 -16.47 -0.05
N ASN B 383 -11.38 -16.75 -0.69
CA ASN B 383 -10.09 -16.20 -0.26
C ASN B 383 -9.59 -15.31 -1.40
N PRO B 384 -9.73 -13.98 -1.29
CA PRO B 384 -9.27 -13.10 -2.37
C PRO B 384 -7.79 -13.20 -2.66
N SER B 385 -6.96 -13.54 -1.65
CA SER B 385 -5.53 -13.61 -1.87
C SER B 385 -5.13 -14.73 -2.83
N ALA B 386 -6.01 -15.71 -3.03
CA ALA B 386 -5.72 -16.79 -3.98
C ALA B 386 -5.65 -16.29 -5.42
N ILE B 387 -6.29 -15.18 -5.73
CA ILE B 387 -6.29 -14.63 -7.09
C ILE B 387 -4.90 -14.12 -7.44
N PRO B 388 -4.32 -14.53 -8.57
CA PRO B 388 -2.98 -14.06 -8.92
C PRO B 388 -2.95 -12.55 -9.13
N GLN B 389 -1.74 -11.99 -9.05
CA GLN B 389 -1.58 -10.55 -9.21
C GLN B 389 -2.00 -10.12 -10.61
N HIS B 390 -2.72 -9.01 -10.68
CA HIS B 390 -3.19 -8.38 -11.92
C HIS B 390 -4.19 -9.23 -12.68
N ALA B 391 -4.85 -10.19 -12.02
CA ALA B 391 -5.89 -10.98 -12.67
C ALA B 391 -7.28 -10.39 -12.49
N PHE B 392 -7.50 -9.58 -11.47
CA PHE B 392 -8.81 -9.01 -11.13
C PHE B 392 -8.59 -7.51 -10.94
N LYS B 393 -8.96 -6.72 -11.95
CA LYS B 393 -8.63 -5.29 -11.97
C LYS B 393 -9.83 -4.39 -12.26
N PRO B 394 -10.94 -4.55 -11.51
CA PRO B 394 -12.09 -3.68 -11.75
C PRO B 394 -11.86 -2.24 -11.34
N PHE B 395 -10.82 -1.96 -10.55
CA PHE B 395 -10.54 -0.62 -10.06
C PHE B 395 -9.22 -0.06 -10.59
N GLY B 396 -8.73 -0.56 -11.71
CA GLY B 396 -7.51 -0.03 -12.28
C GLY B 396 -6.27 -0.61 -11.62
N ASN B 397 -5.16 0.11 -11.76
CA ASN B 397 -3.87 -0.43 -11.37
C ASN B 397 -2.99 0.64 -10.74
N GLY B 398 -2.23 0.24 -9.73
CA GLY B 398 -1.13 1.00 -9.16
C GLY B 398 -1.58 2.31 -8.53
N GLN B 399 -0.71 3.31 -8.63
CA GLN B 399 -1.01 4.63 -8.07
C GLN B 399 -2.16 5.31 -8.78
N ARG B 400 -2.51 4.89 -10.00
CA ARG B 400 -3.65 5.42 -10.73
C ARG B 400 -4.90 4.58 -10.53
N ALA B 401 -4.92 3.71 -9.52
CA ALA B 401 -6.11 2.93 -9.24
C ALA B 401 -7.21 3.81 -8.66
N CYS B 402 -8.42 3.25 -8.64
CA CYS B 402 -9.59 3.95 -8.13
C CYS B 402 -9.39 4.38 -6.68
N ILE B 403 -9.42 5.69 -6.44
CA ILE B 403 -9.30 6.18 -5.07
C ILE B 403 -10.56 5.89 -4.27
N GLY B 404 -11.71 5.75 -4.93
CA GLY B 404 -12.97 5.55 -4.25
C GLY B 404 -13.40 4.10 -4.13
N GLN B 405 -12.46 3.17 -4.33
CA GLN B 405 -12.80 1.75 -4.30
C GLN B 405 -13.46 1.37 -2.98
N GLN B 406 -12.86 1.77 -1.86
CA GLN B 406 -13.41 1.43 -0.55
C GLN B 406 -14.75 2.12 -0.32
N PHE B 407 -14.92 3.33 -0.84
CA PHE B 407 -16.20 4.03 -0.74
C PHE B 407 -17.29 3.27 -1.48
N ALA B 408 -17.02 2.88 -2.73
CA ALA B 408 -18.01 2.17 -3.54
C ALA B 408 -18.39 0.84 -2.91
N LEU B 409 -17.39 0.07 -2.43
CA LEU B 409 -17.67 -1.25 -1.91
C LEU B 409 -18.40 -1.20 -0.56
N HIS B 410 -18.10 -0.20 0.27
CA HIS B 410 -18.83 -0.06 1.53
C HIS B 410 -20.28 0.32 1.27
N GLU B 411 -20.50 1.30 0.40
CA GLU B 411 -21.86 1.71 0.05
C GLU B 411 -22.64 0.55 -0.56
N ALA B 412 -22.02 -0.17 -1.50
CA ALA B 412 -22.72 -1.26 -2.18
C ALA B 412 -23.01 -2.41 -1.24
N THR B 413 -22.07 -2.74 -0.35
CA THR B 413 -22.31 -3.82 0.60
C THR B 413 -23.41 -3.44 1.59
N LEU B 414 -23.38 -2.21 2.11
CA LEU B 414 -24.41 -1.75 3.02
C LEU B 414 -25.79 -1.82 2.38
N VAL B 415 -25.91 -1.28 1.16
CA VAL B 415 -27.22 -1.19 0.52
C VAL B 415 -27.73 -2.57 0.14
N LEU B 416 -26.87 -3.37 -0.51
CA LEU B 416 -27.30 -4.71 -0.92
C LEU B 416 -27.64 -5.57 0.29
N GLY B 417 -26.91 -5.40 1.39
CA GLY B 417 -27.24 -6.12 2.61
C GLY B 417 -28.62 -5.74 3.14
N MET B 418 -28.94 -4.44 3.13
CA MET B 418 -30.25 -4.01 3.58
C MET B 418 -31.35 -4.46 2.63
N MET B 419 -31.07 -4.42 1.32
CA MET B 419 -32.04 -4.92 0.34
C MET B 419 -32.37 -6.38 0.60
N LEU B 420 -31.34 -7.20 0.82
CA LEU B 420 -31.55 -8.63 1.02
C LEU B 420 -32.18 -8.92 2.38
N LYS B 421 -31.95 -8.05 3.36
CA LYS B 421 -32.56 -8.24 4.67
C LYS B 421 -34.06 -7.96 4.64
N HIS B 422 -34.48 -6.96 3.87
CA HIS B 422 -35.83 -6.43 3.99
C HIS B 422 -36.80 -6.92 2.92
N PHE B 423 -36.32 -7.49 1.82
CA PHE B 423 -37.21 -7.84 0.73
C PHE B 423 -36.84 -9.19 0.12
N ASP B 424 -37.86 -9.90 -0.33
CA ASP B 424 -37.70 -10.97 -1.31
C ASP B 424 -37.88 -10.38 -2.71
N PHE B 425 -37.10 -10.86 -3.66
CA PHE B 425 -37.09 -10.30 -5.01
C PHE B 425 -37.54 -11.33 -6.02
N GLU B 426 -38.29 -10.87 -7.02
CA GLU B 426 -38.80 -11.72 -8.09
C GLU B 426 -38.41 -11.12 -9.44
N ASP B 427 -37.82 -11.96 -10.29
CA ASP B 427 -37.53 -11.61 -11.68
C ASP B 427 -38.79 -11.83 -12.50
N HIS B 428 -39.75 -10.92 -12.31
CA HIS B 428 -41.12 -11.15 -12.78
C HIS B 428 -41.26 -11.10 -14.29
N THR B 429 -40.35 -10.43 -15.00
CA THR B 429 -40.41 -10.37 -16.46
C THR B 429 -39.49 -11.39 -17.14
N ASN B 430 -38.76 -12.19 -16.36
CA ASN B 430 -37.67 -13.02 -16.89
C ASN B 430 -36.75 -12.16 -17.76
N TYR B 431 -36.22 -11.12 -17.13
CA TYR B 431 -35.50 -10.06 -17.83
C TYR B 431 -34.33 -10.60 -18.64
N GLU B 432 -34.25 -10.17 -19.90
CA GLU B 432 -33.14 -10.51 -20.78
C GLU B 432 -32.09 -9.41 -20.67
N LEU B 433 -30.87 -9.79 -20.31
CA LEU B 433 -29.82 -8.82 -20.05
C LEU B 433 -29.55 -7.97 -21.28
N ASP B 434 -29.67 -6.65 -21.12
CA ASP B 434 -29.40 -5.69 -22.18
C ASP B 434 -28.51 -4.61 -21.59
N ILE B 435 -27.24 -4.62 -21.97
CA ILE B 435 -26.24 -3.78 -21.32
C ILE B 435 -26.10 -2.50 -22.13
N LYS B 436 -26.60 -1.40 -21.57
CA LYS B 436 -26.45 -0.08 -22.18
C LYS B 436 -25.06 0.45 -21.91
N GLU B 437 -24.44 1.00 -22.95
CA GLU B 437 -23.08 1.53 -22.86
C GLU B 437 -23.13 3.04 -23.03
N THR B 438 -22.70 3.76 -22.01
CA THR B 438 -22.32 5.16 -22.14
C THR B 438 -20.80 5.17 -22.16
N LEU B 439 -20.17 5.75 -21.14
CA LEU B 439 -18.79 5.41 -20.85
C LEU B 439 -18.69 4.30 -19.80
N THR B 440 -19.80 3.98 -19.14
CA THR B 440 -19.90 2.88 -18.19
C THR B 440 -20.95 1.88 -18.69
N LEU B 441 -21.14 0.81 -17.93
CA LEU B 441 -22.06 -0.25 -18.29
C LEU B 441 -23.19 -0.33 -17.25
N LYS B 442 -24.40 -0.62 -17.73
CA LYS B 442 -25.55 -0.78 -16.86
C LYS B 442 -26.56 -1.67 -17.56
N PRO B 443 -27.33 -2.48 -16.82
CA PRO B 443 -28.36 -3.31 -17.45
C PRO B 443 -29.66 -2.55 -17.69
N GLU B 444 -29.84 -2.06 -18.91
CA GLU B 444 -30.97 -1.20 -19.22
C GLU B 444 -32.28 -1.98 -19.15
N GLY B 445 -33.31 -1.35 -18.57
CA GLY B 445 -34.62 -1.96 -18.49
C GLY B 445 -34.76 -3.06 -17.46
N PHE B 446 -33.77 -3.25 -16.60
CA PHE B 446 -33.84 -4.29 -15.57
C PHE B 446 -34.88 -3.90 -14.53
N VAL B 447 -35.89 -4.74 -14.36
CA VAL B 447 -36.97 -4.48 -13.42
C VAL B 447 -37.20 -5.74 -12.57
N VAL B 448 -37.61 -5.53 -11.33
CA VAL B 448 -37.93 -6.62 -10.41
C VAL B 448 -39.17 -6.22 -9.60
N LYS B 449 -39.74 -7.22 -8.93
CA LYS B 449 -40.74 -7.01 -7.90
C LYS B 449 -40.14 -7.35 -6.54
N ALA B 450 -40.47 -6.54 -5.53
CA ALA B 450 -40.01 -6.78 -4.18
C ALA B 450 -41.19 -7.07 -3.27
N LYS B 451 -41.08 -8.16 -2.51
CA LYS B 451 -42.06 -8.51 -1.48
C LYS B 451 -41.44 -8.23 -0.12
N SER B 452 -42.01 -7.28 0.61
CA SER B 452 -41.45 -6.87 1.89
C SER B 452 -41.52 -8.01 2.90
N LYS B 453 -40.45 -8.15 3.68
CA LYS B 453 -40.42 -9.05 4.82
C LYS B 453 -40.99 -8.41 6.07
N LYS B 454 -41.38 -7.13 6.00
CA LYS B 454 -42.04 -6.42 7.10
C LYS B 454 -41.15 -6.31 8.33
N ILE B 455 -39.88 -6.02 8.11
CA ILE B 455 -38.92 -5.78 9.18
C ILE B 455 -38.75 -4.27 9.33
N PRO B 456 -39.11 -3.68 10.47
CA PRO B 456 -39.10 -2.23 10.58
C PRO B 456 -37.69 -1.67 10.66
N LEU B 457 -37.59 -0.37 10.39
CA LEU B 457 -36.31 0.33 10.41
C LEU B 457 -36.11 1.07 11.73
N PHE C 2 14.12 -1.67 23.66
CA PHE C 2 12.87 -1.58 24.45
C PHE C 2 12.98 -0.72 25.71
N PHE C 3 14.23 -0.20 26.20
CA PHE C 3 14.18 0.57 27.43
C PHE C 3 15.49 1.32 27.65
N PHE D 2 -13.96 2.75 -23.26
CA PHE D 2 -13.41 1.76 -24.25
C PHE D 2 -12.38 2.28 -25.27
N PHE D 3 -12.09 3.67 -25.50
CA PHE D 3 -11.10 3.99 -26.53
C PHE D 3 -10.72 5.46 -26.48
#